data_8VS6
#
_entry.id   8VS6
#
_cell.length_a   1.00
_cell.length_b   1.00
_cell.length_c   1.00
_cell.angle_alpha   90.00
_cell.angle_beta   90.00
_cell.angle_gamma   90.00
#
_symmetry.space_group_name_H-M   'P 1'
#
loop_
_entity.id
_entity.type
_entity.pdbx_description
1 polymer 'Transforming growth factor beta-3 proprotein'
2 polymer 'Integrin alpha-V'
3 polymer 'Integrin beta-8'
4 branched alpha-D-mannopyranose-(1-2)-alpha-D-mannopyranose-(1-3)-[alpha-D-mannopyranose-(1-6)]beta-D-mannopyranose-(1-4)-2-acetamido-2-deoxy-beta-D-glucopyranose-(1-4)-2-acetamido-2-deoxy-beta-D-glucopyranose
5 branched 2-acetamido-2-deoxy-beta-D-glucopyranose-(1-4)-2-acetamido-2-deoxy-beta-D-glucopyranose
6 non-polymer 2-acetamido-2-deoxy-beta-D-glucopyranose
7 non-polymer 'CALCIUM ION'
8 non-polymer 'MAGNESIUM ION'
#
loop_
_entity_poly.entity_id
_entity_poly.type
_entity_poly.pdbx_seq_one_letter_code
_entity_poly.pdbx_strand_id
1 'polypeptide(L)'
;LSTCTTLDFGHIKKKRVEAIRGQILSKLRLTSPPEPTVMTHVPYQVLALYNSTRELLEEMHGEREEGCTQENTESEYYAK
EIHKFDMIQGLAEHNELAVCPKGITSKVFRFNVSSVEKNRTNLFRAEFRVLRVPNPSSKRNEQRIELFQILRPDEHIAKQ
RYIGGKNLPTRGTAEWLSFDVTDTVREWLLRRESNLGLEISIHCPCHTFQPNGDILENIHEVMEIKFKGVDNEDDHGRGD
LGRLKKQKDHHNPHLILMMIPPHRLDNPGQGGQRKKRALDTNYCFRNLEENCCVRPLYIDFRQDLGWKWVHEPKGYYANF
CSGPCPYLRSADTTHSTVLGLYNTLNPEASASPCCVPQDLEPLTILYYVGRTPKVEQLSNMVVKSCKCS
;
E
2 'polypeptide(L)'
;FNLDVDSPAEYSGPEGSYFGFAVDFFVPSASSRMFLLVGAPKANTTQPGIVEGGQVLKCDWSSTRRCQPIEFDATGNRDY
AKDDPLEFKSHQWFGASVRSKQDKILACAPLYHWRTEMKQEREPVGTCFLQDGTKTVEYAPCRSQDIDADGQGFCQGGFS
IDFTKADRVLLGGPGSFYWQGQLISDQVAEIVSKYDPNVYSIKYNNQLATRTAQAIFDDSYLGYSVAVGDFNGDGIDDFV
SGVPRAARTLGMVYIYDGKNMSSLYNFTGEQMAAYFGFSVAATDINGDDYADVFIGAPLFMDRGSDGKLQEVGQVSVSLQ
RASGDFQTTKLNGFEVFARFGSAIAPLGDLDQDGFNDIAIAAPYGGEDKKGIVYIFNGRSTGLNAVPSQILEGQWAARSM
PPSFGYSMKGATDIDKNGYPDLIVGAFGVDRAILYRARPVITVNAGLEVYPSILNQDNKTCSLPGTALKVSCFNVRFCLK
ADGKGVLPRKLNFQVELLLDKLKQKGAIRRALFLYSRSPSHSKNMTISRGGLMQCEELIAYLRDESEFRDKLTPITIFME
YRLDYRTAADTTGLQPILNQFTPANISRQAHILLDCGEDNVCKPKLEVSVDSDQKKIYIGDDNPLTLIVKAQNQGEGAYE
AELIVSIPLQADFIGVVRNNEALARLSCAFKTENQTRQVVCDLGNPMKAGTQLLAGLRFSVHQQSEMDTSVKFDLQIQSS
NLFDKVSPVVSHKVDLAVLAAVEIRGVSSPDHVFLPIPNWEHKENPETEEDVGPVVQHIYELRNNGPSSFSKAMLHLQWP
YKYNNNTLLYILHYDIDGPMNCTSDMEINPLRIKISSLQTTEKNDTVAGQGERDHLITKRDLALSEGDIHTLGCGVAQCL
KIVCQVGRLDRGKSAILYVKSLLWTETFMNKENQNHSYSLKSSASFNVIEFPYKNLPIEDITNSTLVTTNVTWGIQPAPM
PV
;
A
3 'polypeptide(L)'
;EDNRCASSNAASCARCLALGPECGWCVQEDFISGGSRSERCDIVSNLISKGCSVDSIEYPSVHVIIPTENEINTQVTPGE
VSIQLRPGAEANFMLKVHPLKKYPVDLYYLVDVSASMHNNIEKLNSVGNDLSRKMAFFSRDFRLGFGSYVDKTVSPYISI
HPERIHNQCSDYNLDCMPPHGYIHVLSLTENITEFEKAVHRQKISGNIDTPEGGFDAMLQAAVCESHIGWRKEAKRLLLV
MTDQTSHLALDSKLAGIVVPNDGNCHLKNNVYVKSTTMEHPSLGQLSEKLIDNNINVIFAVQGKQFHWYKDLLPLLPGTI
AGEIESKAANLNNLVVEAYQKLISEVKVQVENQVQGIYFNITAICPDGSRKPGMEGCRNVTSNDEVLFNVTVTMKKCDVT
GGKNYAIIKPIGFNETAKIHIHRNCSCQCEDNRGPKGKCVDETFLDSKCFQCDENKCHFDEDQFSSESCKSHKDQPVCSG
RGVCVCGKCSCHKIKLGKVYGKYCEKDDFSCPYHHGNLCAGHGECEAGRCQCFSGWEGDRCQCPSAAAQHCVNSKGQVCS
GRGTCVCGRCECTDPRSIGRFCEHCPTCYTACKENWNCMQCLHPHNLSQAILDQCKTSCALMEQQHYVDQTSECFSSPSY
LR
;
B
#
# COMPACT_ATOMS: atom_id res chain seq x y z
N GLY A 237 -22.37 -7.95 10.44
CA GLY A 237 -22.69 -7.03 9.31
C GLY A 237 -21.55 -6.95 8.30
N ARG A 238 -21.87 -6.42 7.12
CA ARG A 238 -20.89 -6.25 6.05
C ARG A 238 -20.89 -4.79 5.62
N GLY A 239 -19.70 -4.21 5.54
CA GLY A 239 -19.56 -2.79 5.28
C GLY A 239 -19.67 -1.97 6.54
N ASP A 240 -19.34 -0.68 6.47
CA ASP A 240 -19.46 0.17 7.64
C ASP A 240 -20.92 0.37 8.03
N LEU A 241 -21.81 0.44 7.04
CA LEU A 241 -23.23 0.66 7.30
C LEU A 241 -24.00 -0.62 7.55
N GLY A 242 -23.33 -1.77 7.60
CA GLY A 242 -24.01 -3.02 7.93
C GLY A 242 -24.59 -3.00 9.33
N ARG A 243 -23.94 -2.30 10.26
CA ARG A 243 -24.50 -2.14 11.59
C ARG A 243 -25.85 -1.43 11.55
N LEU A 244 -25.95 -0.35 10.78
CA LEU A 244 -27.23 0.33 10.60
C LEU A 244 -28.24 -0.57 9.90
N LYS A 245 -27.80 -1.31 8.88
CA LYS A 245 -28.68 -2.22 8.17
C LYS A 245 -29.25 -3.28 9.11
N LYS A 246 -28.39 -3.87 9.94
CA LYS A 246 -28.81 -4.92 10.85
C LYS A 246 -29.79 -4.38 11.89
N PHE B 1 23.07 -7.71 -18.07
CA PHE B 1 24.27 -6.83 -18.16
C PHE B 1 24.35 -6.11 -19.50
N ASN B 2 23.57 -6.55 -20.49
CA ASN B 2 23.70 -6.11 -21.86
C ASN B 2 22.59 -5.15 -22.29
N LEU B 3 21.80 -4.61 -21.37
CA LEU B 3 20.81 -3.62 -21.73
C LEU B 3 21.49 -2.28 -21.97
N ASP B 4 21.19 -1.67 -23.12
CA ASP B 4 21.81 -0.41 -23.51
C ASP B 4 21.21 0.72 -22.70
N VAL B 5 21.97 1.20 -21.70
CA VAL B 5 21.57 2.37 -20.93
C VAL B 5 22.17 3.65 -21.50
N ASP B 6 23.10 3.55 -22.46
CA ASP B 6 23.74 4.75 -23.00
C ASP B 6 22.75 5.57 -23.84
N SER B 7 21.97 4.91 -24.70
CA SER B 7 21.09 5.60 -25.63
C SER B 7 19.68 5.00 -25.61
N PRO B 8 18.95 5.11 -24.51
CA PRO B 8 17.57 4.63 -24.51
C PRO B 8 16.63 5.64 -25.16
N ALA B 9 15.66 5.12 -25.89
CA ALA B 9 14.63 5.97 -26.49
C ALA B 9 13.66 6.45 -25.42
N GLU B 10 13.22 7.70 -25.55
CA GLU B 10 12.42 8.36 -24.53
C GLU B 10 11.10 8.82 -25.13
N TYR B 11 10.01 8.61 -24.40
CA TYR B 11 8.67 8.97 -24.84
C TYR B 11 7.98 9.78 -23.75
N SER B 12 7.30 10.85 -24.15
CA SER B 12 6.69 11.79 -23.22
C SER B 12 5.25 12.05 -23.62
N GLY B 13 4.40 12.30 -22.62
CA GLY B 13 3.02 12.61 -22.84
C GLY B 13 2.63 13.93 -22.19
N PRO B 14 1.34 14.24 -22.18
CA PRO B 14 0.88 15.47 -21.52
C PRO B 14 1.21 15.47 -20.04
N GLU B 15 1.49 16.65 -19.51
CA GLU B 15 1.88 16.79 -18.11
C GLU B 15 0.71 16.45 -17.20
N GLY B 16 0.96 15.60 -16.20
CA GLY B 16 -0.07 15.20 -15.27
C GLY B 16 -0.99 14.11 -15.76
N SER B 17 -0.75 13.58 -16.97
CA SER B 17 -1.62 12.55 -17.53
C SER B 17 -1.33 11.18 -16.98
N TYR B 18 -0.29 11.03 -16.16
CA TYR B 18 0.21 9.72 -15.72
C TYR B 18 0.63 8.86 -16.90
N PHE B 19 1.11 9.51 -17.97
CA PHE B 19 1.62 8.79 -19.13
C PHE B 19 2.74 7.86 -18.71
N GLY B 20 2.61 6.59 -19.07
CA GLY B 20 3.53 5.57 -18.61
C GLY B 20 3.03 4.76 -17.43
N PHE B 21 1.81 5.01 -16.96
CA PHE B 21 1.26 4.19 -15.87
C PHE B 21 1.13 2.73 -16.29
N ALA B 22 0.97 2.48 -17.58
CA ALA B 22 0.95 1.13 -18.13
C ALA B 22 1.67 1.13 -19.46
N VAL B 23 2.51 0.12 -19.69
CA VAL B 23 3.32 0.03 -20.88
C VAL B 23 3.17 -1.37 -21.46
N ASP B 24 3.30 -1.48 -22.78
CA ASP B 24 3.25 -2.77 -23.46
C ASP B 24 3.82 -2.62 -24.86
N PHE B 25 3.89 -3.74 -25.58
CA PHE B 25 4.30 -3.77 -26.98
C PHE B 25 3.11 -4.16 -27.84
N PHE B 26 3.00 -3.52 -29.01
CA PHE B 26 2.00 -3.86 -30.01
C PHE B 26 2.72 -4.40 -31.24
N VAL B 27 2.51 -5.67 -31.55
CA VAL B 27 3.15 -6.33 -32.68
C VAL B 27 2.07 -7.02 -33.51
N PRO B 28 1.36 -6.29 -34.38
CA PRO B 28 0.26 -6.93 -35.13
C PRO B 28 0.68 -8.16 -35.91
N SER B 29 1.86 -8.13 -36.56
CA SER B 29 2.43 -9.26 -37.26
C SER B 29 1.71 -9.58 -38.57
N ALA B 30 0.56 -8.95 -38.80
CA ALA B 30 0.03 -8.87 -40.16
C ALA B 30 0.68 -7.72 -40.91
N SER B 31 1.05 -6.67 -40.19
CA SER B 31 1.97 -5.65 -40.66
C SER B 31 3.27 -5.78 -39.88
N SER B 32 4.39 -5.53 -40.55
CA SER B 32 5.70 -5.81 -39.97
C SER B 32 6.14 -4.78 -38.95
N ARG B 33 5.36 -3.73 -38.72
CA ARG B 33 5.82 -2.64 -37.86
C ARG B 33 5.68 -3.00 -36.38
N MET B 34 6.33 -2.17 -35.55
CA MET B 34 6.34 -2.35 -34.10
C MET B 34 5.97 -1.03 -33.44
N PHE B 35 5.20 -1.11 -32.35
CA PHE B 35 4.76 0.07 -31.61
C PHE B 35 4.87 -0.18 -30.11
N LEU B 36 4.90 0.91 -29.35
CA LEU B 36 4.77 0.86 -27.91
C LEU B 36 3.38 1.36 -27.51
N LEU B 37 2.75 0.65 -26.58
CA LEU B 37 1.45 1.05 -26.05
C LEU B 37 1.66 1.62 -24.65
N VAL B 38 1.23 2.87 -24.45
CA VAL B 38 1.42 3.58 -23.20
C VAL B 38 0.04 4.02 -22.70
N GLY B 39 -0.25 3.72 -21.44
CA GLY B 39 -1.51 4.14 -20.84
C GLY B 39 -1.35 5.45 -20.08
N ALA B 40 -2.33 6.34 -20.25
CA ALA B 40 -2.35 7.65 -19.60
C ALA B 40 -3.70 7.81 -18.92
N PRO B 41 -3.88 7.21 -17.73
CA PRO B 41 -5.22 7.16 -17.13
C PRO B 41 -5.86 8.51 -16.89
N LYS B 42 -5.08 9.56 -16.63
CA LYS B 42 -5.63 10.88 -16.31
C LYS B 42 -5.47 11.88 -17.45
N ALA B 43 -5.34 11.40 -18.69
CA ALA B 43 -5.23 12.29 -19.83
C ALA B 43 -6.60 12.85 -20.21
N ASN B 44 -6.61 14.10 -20.66
CA ASN B 44 -7.82 14.72 -21.17
C ASN B 44 -8.08 14.28 -22.60
N THR B 45 -9.35 14.00 -22.90
CA THR B 45 -9.76 13.46 -24.19
C THR B 45 -10.76 14.40 -24.83
N THR B 46 -11.08 14.09 -26.09
CA THR B 46 -12.03 14.87 -26.87
C THR B 46 -13.47 14.39 -26.72
N GLN B 47 -13.74 13.44 -25.82
CA GLN B 47 -15.10 12.97 -25.61
C GLN B 47 -15.97 14.12 -25.12
N PRO B 48 -17.18 14.30 -25.64
CA PRO B 48 -18.03 15.41 -25.19
C PRO B 48 -18.33 15.32 -23.70
N GLY B 49 -17.95 16.36 -22.96
CA GLY B 49 -18.30 16.47 -21.57
C GLY B 49 -17.57 15.54 -20.64
N ILE B 50 -16.44 14.98 -21.06
CA ILE B 50 -15.65 14.06 -20.25
C ILE B 50 -14.33 14.74 -19.92
N VAL B 51 -13.98 14.75 -18.63
CA VAL B 51 -12.74 15.34 -18.15
C VAL B 51 -11.91 14.26 -17.48
N GLU B 52 -10.65 14.16 -17.87
CA GLU B 52 -9.72 13.16 -17.33
C GLU B 52 -10.30 11.76 -17.48
N GLY B 53 -10.78 11.47 -18.69
CA GLY B 53 -11.24 10.11 -18.98
C GLY B 53 -10.12 9.10 -19.05
N GLY B 54 -8.99 9.49 -19.65
CA GLY B 54 -7.86 8.60 -19.82
C GLY B 54 -7.64 8.25 -21.28
N GLN B 55 -6.48 7.67 -21.56
CA GLN B 55 -6.10 7.33 -22.93
C GLN B 55 -5.14 6.15 -22.93
N VAL B 56 -5.06 5.51 -24.09
CA VAL B 56 -3.99 4.59 -24.43
C VAL B 56 -3.38 5.07 -25.74
N LEU B 57 -2.07 5.26 -25.75
CA LEU B 57 -1.37 5.83 -26.88
C LEU B 57 -0.54 4.76 -27.59
N LYS B 58 -0.47 4.88 -28.92
CA LYS B 58 0.37 4.03 -29.74
C LYS B 58 1.57 4.85 -30.18
N CYS B 59 2.76 4.43 -29.76
CA CYS B 59 3.98 5.20 -29.95
C CYS B 59 4.90 4.48 -30.92
N ASP B 60 5.44 5.23 -31.87
CA ASP B 60 6.33 4.67 -32.88
C ASP B 60 7.72 4.40 -32.31
N TRP B 61 8.44 3.50 -32.95
CA TRP B 61 9.85 3.26 -32.67
C TRP B 61 10.77 3.69 -33.82
N SER B 62 10.26 3.68 -35.05
CA SER B 62 11.10 3.90 -36.22
C SER B 62 11.47 5.38 -36.33
N SER B 63 12.62 5.75 -35.78
CA SER B 63 13.26 7.05 -35.97
C SER B 63 12.44 8.20 -35.43
N THR B 64 11.39 7.93 -34.65
CA THR B 64 10.56 9.00 -34.10
C THR B 64 10.02 8.55 -32.75
N ARG B 65 9.63 9.54 -31.94
CA ARG B 65 9.05 9.27 -30.62
C ARG B 65 7.64 9.83 -30.51
N ARG B 66 6.96 10.03 -31.64
CA ARG B 66 5.60 10.55 -31.61
C ARG B 66 4.63 9.47 -31.15
N CYS B 67 3.56 9.92 -30.48
CA CYS B 67 2.53 9.02 -29.95
C CYS B 67 1.16 9.52 -30.41
N GLN B 68 0.28 8.58 -30.78
CA GLN B 68 -1.07 8.90 -31.20
C GLN B 68 -2.08 8.14 -30.34
N PRO B 69 -3.06 8.79 -29.73
CA PRO B 69 -4.05 8.04 -28.94
C PRO B 69 -4.81 7.04 -29.79
N ILE B 70 -5.11 5.89 -29.20
CA ILE B 70 -5.97 4.89 -29.84
C ILE B 70 -7.41 5.29 -29.57
N GLU B 71 -8.21 5.41 -30.63
CA GLU B 71 -9.59 5.87 -30.52
C GLU B 71 -10.48 4.68 -30.14
N PHE B 72 -10.32 4.24 -28.89
CA PHE B 72 -11.19 3.20 -28.36
C PHE B 72 -12.64 3.68 -28.32
N ASP B 73 -12.86 4.89 -27.82
CA ASP B 73 -14.19 5.44 -27.64
C ASP B 73 -14.12 6.95 -27.82
N ALA B 74 -15.03 7.50 -28.61
CA ALA B 74 -15.13 8.94 -28.82
C ALA B 74 -16.42 9.52 -28.28
N THR B 75 -17.33 8.70 -27.76
CA THR B 75 -18.62 9.17 -27.29
C THR B 75 -18.52 9.63 -25.84
N GLY B 76 -19.48 10.46 -25.44
CA GLY B 76 -19.60 10.89 -24.07
C GLY B 76 -20.33 9.86 -23.22
N ASN B 77 -21.19 10.34 -22.33
CA ASN B 77 -21.99 9.45 -21.51
C ASN B 77 -23.31 9.13 -22.19
N ARG B 78 -23.66 7.85 -22.21
CA ARG B 78 -24.99 7.46 -22.65
C ARG B 78 -26.02 7.84 -21.59
N ASP B 79 -27.26 8.05 -22.03
CA ASP B 79 -28.35 8.47 -21.17
C ASP B 79 -29.34 7.33 -20.97
N TYR B 80 -29.67 7.05 -19.72
CA TYR B 80 -30.71 6.05 -19.41
C TYR B 80 -32.09 6.59 -19.72
N ALA B 81 -32.30 7.90 -19.57
CA ALA B 81 -33.56 8.54 -19.88
C ALA B 81 -33.31 10.03 -20.06
N LYS B 82 -34.39 10.78 -20.24
CA LYS B 82 -34.28 12.22 -20.42
C LYS B 82 -33.76 12.85 -19.13
N ASP B 83 -32.67 13.60 -19.24
CA ASP B 83 -31.97 14.16 -18.08
C ASP B 83 -31.63 13.08 -17.05
N ASP B 84 -31.09 11.95 -17.52
CA ASP B 84 -30.74 10.83 -16.65
C ASP B 84 -29.55 10.10 -17.24
N PRO B 85 -28.33 10.60 -17.02
CA PRO B 85 -27.16 9.92 -17.59
C PRO B 85 -27.06 8.47 -17.12
N LEU B 86 -26.70 7.59 -18.06
CA LEU B 86 -26.50 6.19 -17.73
C LEU B 86 -25.17 5.96 -17.04
N GLU B 87 -24.16 6.76 -17.35
CA GLU B 87 -22.80 6.46 -16.94
C GLU B 87 -22.03 7.77 -16.80
N PHE B 88 -20.84 7.65 -16.21
CA PHE B 88 -20.01 8.80 -15.85
C PHE B 88 -18.57 8.45 -16.22
N LYS B 89 -18.16 8.84 -17.43
CA LYS B 89 -16.83 8.55 -17.92
C LYS B 89 -15.78 9.54 -17.45
N SER B 90 -16.17 10.56 -16.70
CA SER B 90 -15.21 11.49 -16.15
C SER B 90 -14.45 10.85 -14.99
N HIS B 91 -13.13 11.03 -14.98
CA HIS B 91 -12.28 10.42 -13.96
C HIS B 91 -12.48 8.91 -13.91
N GLN B 92 -12.53 8.28 -15.08
CA GLN B 92 -12.70 6.85 -15.19
C GLN B 92 -11.37 6.09 -15.21
N TRP B 93 -10.25 6.78 -15.39
CA TRP B 93 -8.93 6.16 -15.42
C TRP B 93 -8.81 5.14 -16.56
N PHE B 94 -9.24 5.51 -17.76
CA PHE B 94 -9.07 4.63 -18.90
C PHE B 94 -7.60 4.55 -19.29
N GLY B 95 -7.11 3.33 -19.51
CA GLY B 95 -5.71 3.13 -19.80
C GLY B 95 -4.85 2.91 -18.57
N ALA B 96 -5.45 2.70 -17.41
CA ALA B 96 -4.67 2.33 -16.23
C ALA B 96 -3.99 1.00 -16.42
N SER B 97 -4.61 0.09 -17.17
CA SER B 97 -4.03 -1.20 -17.52
C SER B 97 -4.21 -1.44 -19.01
N VAL B 98 -3.14 -1.89 -19.66
CA VAL B 98 -3.13 -2.09 -21.11
C VAL B 98 -2.47 -3.43 -21.41
N ARG B 99 -3.05 -4.18 -22.34
CA ARG B 99 -2.52 -5.46 -22.77
C ARG B 99 -2.72 -5.62 -24.27
N SER B 100 -1.82 -6.35 -24.91
CA SER B 100 -1.84 -6.58 -26.35
C SER B 100 -1.30 -7.97 -26.65
N LYS B 101 -2.07 -8.76 -27.41
CA LYS B 101 -1.73 -10.16 -27.66
C LYS B 101 -0.94 -10.33 -28.95
N GLN B 102 -1.57 -10.17 -30.12
CA GLN B 102 -0.82 -10.00 -31.37
C GLN B 102 -1.25 -8.73 -32.08
N ASP B 103 -2.53 -8.66 -32.42
CA ASP B 103 -3.12 -7.47 -33.04
C ASP B 103 -4.22 -6.89 -32.15
N LYS B 104 -4.66 -7.63 -31.15
CA LYS B 104 -5.65 -7.13 -30.21
C LYS B 104 -5.01 -6.19 -29.21
N ILE B 105 -5.78 -5.23 -28.72
CA ILE B 105 -5.39 -4.35 -27.63
C ILE B 105 -6.53 -4.31 -26.63
N LEU B 106 -6.24 -4.64 -25.38
CA LEU B 106 -7.21 -4.58 -24.30
C LEU B 106 -6.77 -3.51 -23.31
N ALA B 107 -7.63 -2.50 -23.13
CA ALA B 107 -7.36 -1.41 -22.20
C ALA B 107 -8.61 -1.15 -21.39
N CYS B 108 -8.42 -0.78 -20.12
CA CYS B 108 -9.50 -0.76 -19.16
C CYS B 108 -9.53 0.56 -18.39
N ALA B 109 -10.70 0.83 -17.81
CA ALA B 109 -10.96 2.02 -17.01
C ALA B 109 -11.49 1.56 -15.64
N PRO B 110 -10.62 1.31 -14.67
CA PRO B 110 -11.10 0.74 -13.40
C PRO B 110 -12.09 1.62 -12.65
N LEU B 111 -11.97 2.94 -12.75
CA LEU B 111 -12.80 3.86 -11.98
C LEU B 111 -13.98 4.40 -12.78
N TYR B 112 -14.36 3.71 -13.85
CA TYR B 112 -15.60 4.04 -14.56
C TYR B 112 -16.80 3.72 -13.67
N HIS B 113 -17.73 4.68 -13.60
CA HIS B 113 -18.95 4.53 -12.82
C HIS B 113 -20.15 4.46 -13.76
N TRP B 114 -21.22 3.82 -13.30
CA TRP B 114 -22.46 3.81 -14.06
C TRP B 114 -23.66 3.74 -13.13
N ARG B 115 -24.79 4.18 -13.65
CA ARG B 115 -26.06 4.21 -12.93
C ARG B 115 -26.87 2.99 -13.33
N THR B 116 -27.13 2.10 -12.38
CA THR B 116 -27.91 0.92 -12.66
C THR B 116 -29.31 1.30 -13.15
N GLU B 117 -29.97 0.34 -13.79
CA GLU B 117 -31.33 0.57 -14.27
C GLU B 117 -32.30 0.75 -13.11
N MET B 118 -32.08 0.01 -12.01
CA MET B 118 -33.05 -0.03 -10.93
C MET B 118 -33.22 1.35 -10.29
N LYS B 119 -32.12 2.05 -10.03
CA LYS B 119 -32.17 3.33 -9.32
C LYS B 119 -31.02 4.19 -9.79
N GLN B 120 -31.07 5.46 -9.39
CA GLN B 120 -29.99 6.39 -9.72
C GLN B 120 -28.84 6.20 -8.76
N GLU B 121 -27.74 5.63 -9.26
CA GLU B 121 -26.59 5.28 -8.42
C GLU B 121 -25.33 5.84 -9.06
N ARG B 122 -24.20 5.51 -8.46
CA ARG B 122 -22.88 5.69 -9.05
C ARG B 122 -22.04 4.51 -8.59
N GLU B 123 -21.99 3.46 -9.41
CA GLU B 123 -21.37 2.20 -9.03
C GLU B 123 -20.02 2.07 -9.72
N PRO B 124 -18.89 2.05 -9.00
CA PRO B 124 -17.61 1.89 -9.70
C PRO B 124 -17.42 0.47 -10.22
N VAL B 125 -18.05 0.18 -11.36
CA VAL B 125 -17.95 -1.15 -11.95
C VAL B 125 -16.67 -1.30 -12.77
N GLY B 126 -16.20 -0.22 -13.39
CA GLY B 126 -15.08 -0.31 -14.29
C GLY B 126 -15.48 -0.93 -15.60
N THR B 127 -14.79 -0.56 -16.68
CA THR B 127 -15.12 -1.05 -18.01
C THR B 127 -13.84 -1.24 -18.80
N CYS B 128 -13.88 -2.13 -19.78
CA CYS B 128 -12.76 -2.39 -20.68
C CYS B 128 -13.24 -2.29 -22.12
N PHE B 129 -12.30 -1.90 -22.99
CA PHE B 129 -12.53 -1.84 -24.42
C PHE B 129 -11.50 -2.72 -25.11
N LEU B 130 -11.98 -3.63 -25.96
CA LEU B 130 -11.14 -4.55 -26.69
C LEU B 130 -11.11 -4.15 -28.16
N GLN B 131 -9.94 -3.78 -28.65
CA GLN B 131 -9.72 -3.52 -30.06
C GLN B 131 -9.15 -4.80 -30.68
N ASP B 132 -9.76 -5.24 -31.78
CA ASP B 132 -9.42 -6.53 -32.40
C ASP B 132 -9.10 -6.27 -33.87
N GLY B 133 -8.23 -5.29 -34.09
CA GLY B 133 -7.86 -4.88 -35.42
C GLY B 133 -8.78 -3.79 -35.94
N THR B 134 -9.69 -4.16 -36.85
CA THR B 134 -10.64 -3.19 -37.38
C THR B 134 -11.77 -2.89 -36.40
N LYS B 135 -12.18 -3.88 -35.60
CA LYS B 135 -13.31 -3.71 -34.70
C LYS B 135 -12.86 -3.23 -33.33
N THR B 136 -13.73 -2.49 -32.66
CA THR B 136 -13.58 -2.11 -31.27
C THR B 136 -14.85 -2.50 -30.53
N VAL B 137 -14.68 -3.16 -29.39
CA VAL B 137 -15.79 -3.73 -28.64
C VAL B 137 -15.59 -3.40 -27.17
N GLU B 138 -16.68 -2.99 -26.51
CA GLU B 138 -16.64 -2.76 -25.08
C GLU B 138 -16.83 -4.07 -24.34
N TYR B 139 -16.01 -4.27 -23.29
CA TYR B 139 -16.11 -5.43 -22.42
C TYR B 139 -16.25 -4.93 -20.99
N ALA B 140 -17.45 -5.08 -20.43
CA ALA B 140 -17.75 -4.63 -19.07
C ALA B 140 -18.43 -5.75 -18.30
N PRO B 141 -17.70 -6.84 -18.03
CA PRO B 141 -18.34 -8.00 -17.39
C PRO B 141 -18.91 -7.71 -16.02
N CYS B 142 -18.30 -6.79 -15.26
CA CYS B 142 -18.68 -6.59 -13.87
C CYS B 142 -19.88 -5.67 -13.69
N ARG B 143 -20.28 -4.94 -14.73
CA ARG B 143 -21.50 -4.14 -14.68
C ARG B 143 -22.64 -5.03 -15.18
N SER B 144 -23.64 -5.22 -14.33
CA SER B 144 -24.69 -6.20 -14.60
C SER B 144 -25.92 -5.82 -13.78
N GLN B 145 -26.88 -6.75 -13.68
CA GLN B 145 -28.07 -6.51 -12.89
C GLN B 145 -27.82 -6.75 -11.41
N ASP B 146 -27.08 -7.80 -11.07
CA ASP B 146 -26.77 -8.11 -9.67
C ASP B 146 -25.52 -7.34 -9.25
N ILE B 147 -25.73 -6.04 -9.01
CA ILE B 147 -24.63 -5.14 -8.66
C ILE B 147 -25.02 -4.29 -7.46
N ASP B 148 -24.10 -4.22 -6.51
CA ASP B 148 -24.14 -3.36 -5.33
C ASP B 148 -22.76 -3.52 -4.70
N ALA B 149 -22.55 -2.92 -3.52
CA ALA B 149 -21.43 -3.36 -2.72
C ALA B 149 -21.54 -4.85 -2.42
N ASP B 150 -22.76 -5.35 -2.29
CA ASP B 150 -22.97 -6.79 -2.10
C ASP B 150 -22.61 -7.58 -3.34
N GLY B 151 -22.83 -7.01 -4.53
CA GLY B 151 -22.57 -7.69 -5.78
C GLY B 151 -21.32 -7.20 -6.47
N GLN B 152 -21.42 -6.96 -7.78
CA GLN B 152 -20.32 -6.45 -8.58
C GLN B 152 -20.39 -4.95 -8.78
N GLY B 153 -21.18 -4.23 -7.97
CA GLY B 153 -21.34 -2.80 -8.17
C GLY B 153 -20.06 -2.02 -8.00
N PHE B 154 -19.25 -2.37 -7.02
CA PHE B 154 -17.98 -1.71 -6.77
C PHE B 154 -16.81 -2.51 -7.33
N CYS B 155 -17.05 -3.32 -8.36
CA CYS B 155 -16.08 -4.33 -8.79
C CYS B 155 -14.79 -3.70 -9.27
N GLN B 156 -14.85 -2.58 -9.98
CA GLN B 156 -13.69 -2.00 -10.63
C GLN B 156 -13.01 -3.01 -11.54
N GLY B 157 -13.81 -3.61 -12.42
CA GLY B 157 -13.27 -4.58 -13.35
C GLY B 157 -12.24 -3.93 -14.27
N GLY B 158 -11.24 -4.72 -14.66
CA GLY B 158 -10.15 -4.19 -15.45
C GLY B 158 -9.07 -3.52 -14.65
N PHE B 159 -9.12 -3.61 -13.32
CA PHE B 159 -8.02 -3.10 -12.50
C PHE B 159 -6.71 -3.78 -12.86
N SER B 160 -6.77 -5.05 -13.25
CA SER B 160 -5.62 -5.79 -13.75
C SER B 160 -6.10 -6.79 -14.79
N ILE B 161 -5.36 -6.90 -15.89
CA ILE B 161 -5.76 -7.74 -17.01
C ILE B 161 -4.55 -8.50 -17.55
N ASP B 162 -4.84 -9.57 -18.30
CA ASP B 162 -3.81 -10.35 -18.97
C ASP B 162 -4.46 -11.14 -20.10
N PHE B 163 -3.61 -11.62 -21.02
CA PHE B 163 -4.05 -12.42 -22.16
C PHE B 163 -3.59 -13.85 -22.00
N THR B 164 -4.52 -14.79 -22.15
CA THR B 164 -4.20 -16.21 -22.12
C THR B 164 -3.65 -16.65 -23.47
N LYS B 165 -2.78 -17.67 -23.44
CA LYS B 165 -2.14 -18.16 -24.66
C LYS B 165 -3.17 -18.56 -25.71
N ALA B 166 -4.25 -19.22 -25.30
CA ALA B 166 -5.29 -19.69 -26.21
C ALA B 166 -6.37 -18.65 -26.44
N ASP B 167 -6.02 -17.36 -26.38
CA ASP B 167 -6.91 -16.27 -26.77
C ASP B 167 -8.13 -16.18 -25.85
N ARG B 168 -7.86 -16.03 -24.55
CA ARG B 168 -8.86 -15.58 -23.58
C ARG B 168 -8.33 -14.35 -22.86
N VAL B 169 -9.26 -13.54 -22.36
CA VAL B 169 -8.93 -12.42 -21.50
C VAL B 169 -9.09 -12.84 -20.05
N LEU B 170 -8.12 -12.47 -19.22
CA LEU B 170 -8.22 -12.64 -17.77
C LEU B 170 -8.34 -11.27 -17.14
N LEU B 171 -9.42 -11.05 -16.38
CA LEU B 171 -9.75 -9.75 -15.84
C LEU B 171 -10.04 -9.88 -14.36
N GLY B 172 -9.42 -9.01 -13.56
CA GLY B 172 -9.56 -9.05 -12.11
C GLY B 172 -10.21 -7.79 -11.58
N GLY B 173 -11.30 -7.98 -10.83
CA GLY B 173 -11.98 -6.89 -10.17
C GLY B 173 -11.83 -6.97 -8.67
N PRO B 174 -11.02 -6.09 -8.07
CA PRO B 174 -10.75 -6.23 -6.62
C PRO B 174 -11.94 -5.93 -5.74
N GLY B 175 -12.99 -5.29 -6.25
CA GLY B 175 -14.00 -4.71 -5.39
C GLY B 175 -15.30 -5.45 -5.22
N SER B 176 -15.56 -6.50 -6.01
CA SER B 176 -16.87 -7.13 -5.99
C SER B 176 -17.08 -7.93 -4.72
N PHE B 177 -18.35 -7.99 -4.29
CA PHE B 177 -18.76 -8.71 -3.08
C PHE B 177 -18.05 -8.15 -1.84
N TYR B 178 -18.28 -6.86 -1.59
CA TYR B 178 -17.66 -6.15 -0.47
C TYR B 178 -16.15 -6.32 -0.49
N TRP B 179 -15.57 -6.08 -1.67
CA TRP B 179 -14.12 -6.12 -1.85
C TRP B 179 -13.53 -7.47 -1.50
N GLN B 180 -14.29 -8.54 -1.71
CA GLN B 180 -13.70 -9.87 -1.74
C GLN B 180 -12.81 -10.04 -2.95
N GLY B 181 -13.13 -9.32 -4.03
CA GLY B 181 -12.43 -9.46 -5.29
C GLY B 181 -13.00 -10.57 -6.14
N GLN B 182 -12.56 -10.60 -7.40
CA GLN B 182 -13.10 -11.55 -8.35
C GLN B 182 -12.22 -11.57 -9.59
N LEU B 183 -12.13 -12.74 -10.20
CA LEU B 183 -11.53 -12.91 -11.51
C LEU B 183 -12.62 -13.32 -12.50
N ILE B 184 -12.56 -12.77 -13.70
CA ILE B 184 -13.48 -13.11 -14.78
C ILE B 184 -12.68 -13.35 -16.05
N SER B 185 -12.99 -14.44 -16.75
CA SER B 185 -12.33 -14.79 -17.99
C SER B 185 -13.37 -15.16 -19.03
N ASP B 186 -13.17 -14.68 -20.26
CA ASP B 186 -14.01 -15.05 -21.38
C ASP B 186 -13.17 -15.03 -22.65
N GLN B 187 -13.60 -15.80 -23.65
CA GLN B 187 -12.87 -15.86 -24.91
C GLN B 187 -13.11 -14.60 -25.73
N VAL B 188 -12.07 -14.17 -26.44
CA VAL B 188 -12.17 -12.95 -27.23
C VAL B 188 -13.19 -13.12 -28.34
N ALA B 189 -13.24 -14.30 -28.97
CA ALA B 189 -14.21 -14.53 -30.03
C ALA B 189 -15.64 -14.33 -29.53
N GLU B 190 -15.91 -14.72 -28.29
CA GLU B 190 -17.23 -14.50 -27.70
C GLU B 190 -17.44 -13.05 -27.29
N ILE B 191 -16.38 -12.37 -26.86
CA ILE B 191 -16.51 -10.96 -26.47
C ILE B 191 -16.87 -10.11 -27.69
N VAL B 192 -16.21 -10.38 -28.82
CA VAL B 192 -16.42 -9.55 -30.00
C VAL B 192 -17.73 -9.87 -30.73
N SER B 193 -18.27 -11.08 -30.56
CA SER B 193 -19.46 -11.49 -31.27
C SER B 193 -20.75 -11.24 -30.50
N LYS B 194 -20.70 -11.28 -29.17
CA LYS B 194 -21.89 -11.02 -28.36
C LYS B 194 -22.08 -9.55 -28.06
N TYR B 195 -21.16 -8.68 -28.50
CA TYR B 195 -21.26 -7.26 -28.18
C TYR B 195 -22.44 -6.62 -28.88
N ASP B 196 -23.19 -5.81 -28.13
CA ASP B 196 -24.31 -5.04 -28.65
C ASP B 196 -24.24 -3.69 -27.94
N PRO B 197 -24.14 -2.57 -28.66
CA PRO B 197 -24.06 -1.27 -27.98
C PRO B 197 -25.27 -0.94 -27.13
N ASN B 198 -26.44 -1.46 -27.46
CA ASN B 198 -27.68 -1.09 -26.77
C ASN B 198 -27.99 -1.98 -25.57
N VAL B 199 -27.19 -3.01 -25.31
CA VAL B 199 -27.37 -3.88 -24.16
C VAL B 199 -26.29 -3.52 -23.15
N TYR B 200 -26.71 -3.02 -21.99
CA TYR B 200 -25.77 -2.56 -20.97
C TYR B 200 -25.26 -3.68 -20.08
N SER B 201 -25.90 -4.84 -20.09
CA SER B 201 -25.46 -6.01 -19.32
C SER B 201 -25.46 -7.21 -20.26
N ILE B 202 -24.34 -7.39 -20.96
CA ILE B 202 -24.22 -8.47 -21.95
C ILE B 202 -23.88 -9.78 -21.24
N LYS B 203 -24.54 -10.85 -21.66
CA LYS B 203 -24.29 -12.18 -21.12
C LYS B 203 -23.29 -12.92 -22.01
N TYR B 204 -22.36 -13.62 -21.38
CA TYR B 204 -21.35 -14.41 -22.07
C TYR B 204 -21.48 -15.86 -21.62
N ASN B 205 -21.62 -16.77 -22.59
CA ASN B 205 -21.92 -18.16 -22.29
C ASN B 205 -20.73 -18.91 -21.72
N ASN B 206 -19.57 -18.79 -22.35
CA ASN B 206 -18.38 -19.52 -21.94
C ASN B 206 -17.50 -18.72 -20.98
N GLN B 207 -18.08 -17.76 -20.27
CA GLN B 207 -17.30 -16.94 -19.35
C GLN B 207 -17.03 -17.70 -18.06
N LEU B 208 -15.76 -17.71 -17.64
CA LEU B 208 -15.36 -18.28 -16.36
C LEU B 208 -15.20 -17.15 -15.35
N ALA B 209 -15.76 -17.32 -14.17
CA ALA B 209 -15.70 -16.29 -13.13
C ALA B 209 -15.74 -16.95 -11.75
N THR B 210 -14.91 -16.45 -10.85
CA THR B 210 -14.98 -16.88 -9.46
C THR B 210 -16.19 -16.24 -8.79
N ARG B 211 -16.64 -16.86 -7.70
CA ARG B 211 -17.94 -16.57 -7.13
C ARG B 211 -17.79 -15.96 -5.73
N THR B 212 -18.94 -15.72 -5.09
CA THR B 212 -18.95 -15.15 -3.76
C THR B 212 -18.50 -16.17 -2.72
N ALA B 213 -17.78 -15.70 -1.71
CA ALA B 213 -17.29 -16.53 -0.61
C ALA B 213 -17.89 -16.03 0.70
N GLN B 214 -17.40 -16.58 1.80
CA GLN B 214 -17.89 -16.18 3.12
C GLN B 214 -17.60 -14.71 3.39
N ALA B 215 -18.21 -14.16 4.44
CA ALA B 215 -17.97 -12.77 4.80
C ALA B 215 -16.56 -12.55 5.33
N ILE B 216 -15.89 -13.60 5.80
CA ILE B 216 -14.54 -13.46 6.32
C ILE B 216 -13.54 -13.10 5.24
N PHE B 217 -13.89 -13.34 3.96
CA PHE B 217 -12.99 -13.03 2.85
C PHE B 217 -13.14 -11.60 2.36
N ASP B 218 -14.00 -10.80 2.99
CA ASP B 218 -14.23 -9.44 2.55
C ASP B 218 -12.94 -8.62 2.65
N ASP B 219 -12.84 -7.62 1.77
CA ASP B 219 -11.65 -6.76 1.71
C ASP B 219 -10.38 -7.57 1.48
N SER B 220 -10.48 -8.60 0.64
CA SER B 220 -9.30 -9.38 0.27
C SER B 220 -8.61 -8.82 -0.97
N TYR B 221 -9.38 -8.19 -1.87
CA TYR B 221 -8.86 -7.57 -3.08
C TYR B 221 -8.33 -8.60 -4.08
N LEU B 222 -9.05 -9.71 -4.25
CA LEU B 222 -8.71 -10.66 -5.29
C LEU B 222 -8.87 -9.99 -6.65
N GLY B 223 -7.85 -10.10 -7.49
CA GLY B 223 -7.81 -9.34 -8.73
C GLY B 223 -7.02 -8.06 -8.66
N TYR B 224 -6.25 -7.85 -7.59
CA TYR B 224 -5.38 -6.68 -7.52
C TYR B 224 -4.34 -6.72 -8.63
N SER B 225 -3.77 -7.90 -8.89
CA SER B 225 -2.90 -8.13 -10.02
C SER B 225 -3.15 -9.54 -10.53
N VAL B 226 -2.84 -9.77 -11.81
CA VAL B 226 -3.06 -11.07 -12.44
C VAL B 226 -1.86 -11.43 -13.31
N ALA B 227 -1.68 -12.73 -13.53
CA ALA B 227 -0.69 -13.25 -14.46
C ALA B 227 -1.20 -14.60 -14.93
N VAL B 228 -0.60 -15.10 -16.02
CA VAL B 228 -1.03 -16.35 -16.62
C VAL B 228 0.18 -17.22 -16.96
N GLY B 229 0.04 -18.51 -16.68
CA GLY B 229 1.03 -19.49 -17.08
C GLY B 229 0.47 -20.87 -16.83
N ASP B 230 1.10 -21.86 -17.45
CA ASP B 230 0.67 -23.24 -17.30
C ASP B 230 1.29 -23.82 -16.04
N PHE B 231 0.44 -24.29 -15.12
CA PHE B 231 0.88 -24.73 -13.80
C PHE B 231 0.40 -26.13 -13.42
N ASN B 232 -0.53 -26.72 -14.18
CA ASN B 232 -0.96 -28.09 -13.95
C ASN B 232 -0.66 -29.00 -15.14
N GLY B 233 0.18 -28.54 -16.07
CA GLY B 233 0.76 -29.41 -17.06
C GLY B 233 -0.15 -29.89 -18.16
N ASP B 234 -1.27 -29.20 -18.41
CA ASP B 234 -2.18 -29.56 -19.49
C ASP B 234 -2.06 -28.63 -20.70
N GLY B 235 -1.13 -27.69 -20.69
CA GLY B 235 -0.91 -26.81 -21.83
C GLY B 235 -1.80 -25.58 -21.88
N ILE B 236 -2.77 -25.47 -20.98
CA ILE B 236 -3.68 -24.34 -20.93
C ILE B 236 -3.21 -23.41 -19.81
N ASP B 237 -3.04 -22.14 -20.13
CA ASP B 237 -2.56 -21.17 -19.14
C ASP B 237 -3.52 -21.10 -17.96
N ASP B 238 -2.95 -21.14 -16.75
CA ASP B 238 -3.73 -20.99 -15.53
C ASP B 238 -3.69 -19.55 -15.05
N PHE B 239 -4.65 -19.20 -14.19
CA PHE B 239 -4.86 -17.83 -13.75
C PHE B 239 -4.18 -17.62 -12.40
N VAL B 240 -3.14 -16.79 -12.38
CA VAL B 240 -2.43 -16.42 -11.17
C VAL B 240 -2.81 -14.98 -10.82
N SER B 241 -3.24 -14.77 -9.59
CA SER B 241 -3.67 -13.45 -9.14
C SER B 241 -3.19 -13.17 -7.73
N GLY B 242 -2.92 -11.90 -7.44
CA GLY B 242 -2.55 -11.52 -6.09
C GLY B 242 -3.75 -11.11 -5.27
N VAL B 243 -3.72 -11.44 -3.99
CA VAL B 243 -4.80 -11.12 -3.05
C VAL B 243 -4.16 -10.44 -1.85
N PRO B 244 -3.67 -9.20 -2.00
CA PRO B 244 -2.74 -8.64 -1.00
C PRO B 244 -3.29 -8.50 0.41
N ARG B 245 -4.60 -8.37 0.58
CA ARG B 245 -5.20 -8.19 1.90
C ARG B 245 -5.78 -9.48 2.46
N ALA B 246 -5.51 -10.62 1.83
CA ALA B 246 -6.05 -11.89 2.32
C ALA B 246 -5.27 -12.37 3.53
N ALA B 247 -5.87 -13.32 4.25
CA ALA B 247 -5.25 -13.94 5.42
C ALA B 247 -4.85 -12.90 6.46
N ARG B 248 -5.79 -12.02 6.78
CA ARG B 248 -5.57 -10.95 7.76
C ARG B 248 -4.41 -10.05 7.32
N THR B 249 -4.39 -9.72 6.03
CA THR B 249 -3.43 -8.80 5.41
C THR B 249 -2.02 -9.38 5.31
N LEU B 250 -1.85 -10.69 5.59
CA LEU B 250 -0.60 -11.33 5.24
C LEU B 250 -0.39 -11.29 3.73
N GLY B 251 -1.46 -11.38 2.98
CA GLY B 251 -1.41 -11.45 1.52
C GLY B 251 -1.42 -12.87 1.02
N MET B 252 -1.91 -13.05 -0.20
CA MET B 252 -2.00 -14.36 -0.81
C MET B 252 -1.90 -14.22 -2.32
N VAL B 253 -1.56 -15.34 -2.97
CA VAL B 253 -1.61 -15.49 -4.42
C VAL B 253 -2.29 -16.82 -4.71
N TYR B 254 -3.39 -16.77 -5.47
CA TYR B 254 -4.12 -17.95 -5.88
C TYR B 254 -3.75 -18.32 -7.30
N ILE B 255 -3.75 -19.62 -7.60
CA ILE B 255 -3.66 -20.13 -8.96
C ILE B 255 -4.93 -20.91 -9.25
N TYR B 256 -5.70 -20.45 -10.24
CA TYR B 256 -6.90 -21.14 -10.71
C TYR B 256 -6.62 -21.78 -12.05
N ASP B 257 -7.14 -23.00 -12.23
CA ASP B 257 -6.99 -23.69 -13.50
C ASP B 257 -7.69 -22.91 -14.61
N GLY B 258 -7.02 -22.77 -15.75
CA GLY B 258 -7.58 -22.02 -16.86
C GLY B 258 -8.69 -22.72 -17.59
N LYS B 259 -8.87 -24.03 -17.37
CA LYS B 259 -9.92 -24.76 -18.06
C LYS B 259 -11.28 -24.53 -17.40
N ASN B 260 -11.32 -24.42 -16.06
CA ASN B 260 -12.59 -24.28 -15.37
C ASN B 260 -12.53 -23.31 -14.19
N MET B 261 -11.46 -22.55 -14.02
CA MET B 261 -11.31 -21.65 -12.88
C MET B 261 -11.39 -22.40 -11.56
N SER B 262 -10.77 -23.59 -11.51
CA SER B 262 -10.67 -24.36 -10.28
C SER B 262 -9.34 -24.07 -9.60
N SER B 263 -9.38 -23.90 -8.28
CA SER B 263 -8.19 -23.52 -7.53
C SER B 263 -7.17 -24.64 -7.53
N LEU B 264 -5.90 -24.29 -7.75
CA LEU B 264 -4.80 -25.26 -7.81
C LEU B 264 -3.77 -25.07 -6.71
N TYR B 265 -3.18 -23.88 -6.58
CA TYR B 265 -2.11 -23.65 -5.63
C TYR B 265 -2.33 -22.33 -4.92
N ASN B 266 -1.94 -22.29 -3.65
CA ASN B 266 -2.07 -21.10 -2.82
C ASN B 266 -0.70 -20.73 -2.27
N PHE B 267 -0.39 -19.44 -2.30
CA PHE B 267 0.77 -18.86 -1.63
C PHE B 267 0.27 -17.90 -0.56
N THR B 268 1.03 -17.80 0.54
CA THR B 268 0.68 -16.94 1.65
C THR B 268 1.90 -16.16 2.10
N GLY B 269 1.70 -14.87 2.39
CA GLY B 269 2.76 -14.06 2.93
C GLY B 269 3.05 -14.39 4.38
N GLU B 270 4.21 -13.93 4.84
CA GLU B 270 4.69 -14.24 6.18
C GLU B 270 4.83 -13.00 7.07
N GLN B 271 4.49 -11.81 6.57
CA GLN B 271 4.51 -10.60 7.36
C GLN B 271 3.23 -9.82 7.09
N MET B 272 2.53 -9.44 8.16
CA MET B 272 1.29 -8.69 8.01
C MET B 272 1.56 -7.30 7.44
N ALA B 273 0.65 -6.86 6.57
CA ALA B 273 0.70 -5.54 5.93
C ALA B 273 1.86 -5.39 4.96
N ALA B 274 2.57 -6.48 4.66
CA ALA B 274 3.65 -6.42 3.67
C ALA B 274 3.12 -6.31 2.25
N TYR B 275 1.83 -6.57 2.04
CA TYR B 275 1.23 -6.65 0.71
C TYR B 275 1.91 -7.72 -0.15
N PHE B 276 1.99 -8.93 0.39
CA PHE B 276 2.31 -10.09 -0.41
C PHE B 276 1.22 -10.29 -1.46
N GLY B 277 1.56 -10.05 -2.72
CA GLY B 277 0.62 -10.14 -3.81
C GLY B 277 0.34 -8.84 -4.54
N PHE B 278 1.08 -7.77 -4.23
CA PHE B 278 0.92 -6.53 -4.99
C PHE B 278 1.25 -6.74 -6.46
N SER B 279 2.34 -7.45 -6.73
CA SER B 279 2.77 -7.78 -8.08
C SER B 279 2.90 -9.28 -8.21
N VAL B 280 2.55 -9.80 -9.38
CA VAL B 280 2.64 -11.22 -9.67
C VAL B 280 3.10 -11.40 -11.10
N ALA B 281 4.01 -12.35 -11.31
CA ALA B 281 4.51 -12.67 -12.64
C ALA B 281 4.80 -14.16 -12.71
N ALA B 282 4.70 -14.71 -13.92
CA ALA B 282 4.94 -16.12 -14.17
C ALA B 282 5.80 -16.28 -15.42
N THR B 283 6.93 -16.96 -15.27
CA THR B 283 7.82 -17.27 -16.38
C THR B 283 8.72 -18.42 -15.95
N ASP B 284 9.28 -19.11 -16.94
CA ASP B 284 10.26 -20.17 -16.65
C ASP B 284 11.64 -19.55 -16.61
N ILE B 285 12.18 -19.38 -15.40
CA ILE B 285 13.42 -18.63 -15.21
C ILE B 285 14.64 -19.54 -15.26
N ASN B 286 14.50 -20.80 -14.85
CA ASN B 286 15.61 -21.73 -14.81
C ASN B 286 15.72 -22.60 -16.05
N GLY B 287 14.90 -22.34 -17.07
CA GLY B 287 15.05 -23.03 -18.34
C GLY B 287 14.76 -24.52 -18.30
N ASP B 288 13.74 -24.93 -17.55
CA ASP B 288 13.31 -26.33 -17.52
C ASP B 288 11.90 -26.52 -18.07
N ASP B 289 11.39 -25.54 -18.82
CA ASP B 289 10.09 -25.59 -19.50
C ASP B 289 8.91 -25.62 -18.54
N TYR B 290 9.13 -25.35 -17.25
CA TYR B 290 8.05 -25.19 -16.29
C TYR B 290 8.01 -23.73 -15.84
N ALA B 291 6.81 -23.16 -15.78
CA ALA B 291 6.65 -21.76 -15.41
C ALA B 291 6.88 -21.56 -13.92
N ASP B 292 7.62 -20.51 -13.57
CA ASP B 292 7.98 -20.19 -12.21
C ASP B 292 7.28 -18.91 -11.78
N VAL B 293 6.89 -18.85 -10.51
CA VAL B 293 6.06 -17.77 -9.98
C VAL B 293 6.96 -16.73 -9.31
N PHE B 294 6.68 -15.46 -9.58
CA PHE B 294 7.32 -14.33 -8.91
C PHE B 294 6.24 -13.48 -8.24
N ILE B 295 6.43 -13.19 -6.96
CA ILE B 295 5.46 -12.45 -6.16
C ILE B 295 6.19 -11.33 -5.46
N GLY B 296 5.66 -10.11 -5.57
CA GLY B 296 6.25 -8.95 -4.92
C GLY B 296 5.53 -8.59 -3.63
N ALA B 297 6.33 -8.18 -2.64
CA ALA B 297 5.82 -7.70 -1.35
C ALA B 297 6.50 -6.38 -1.02
N PRO B 298 6.11 -5.29 -1.70
CA PRO B 298 6.90 -4.06 -1.64
C PRO B 298 6.99 -3.42 -0.27
N LEU B 299 6.10 -3.77 0.67
CA LEU B 299 6.11 -3.18 2.00
C LEU B 299 6.78 -4.08 3.03
N PHE B 300 7.47 -5.14 2.60
CA PHE B 300 8.09 -6.06 3.55
C PHE B 300 9.15 -5.35 4.37
N MET B 301 9.15 -5.61 5.68
CA MET B 301 10.10 -5.00 6.61
C MET B 301 11.08 -6.06 7.09
N ASP B 302 12.37 -5.77 6.95
CA ASP B 302 13.44 -6.72 7.23
C ASP B 302 14.19 -6.29 8.49
N ARG B 303 14.51 -7.28 9.32
CA ARG B 303 15.26 -7.03 10.56
C ARG B 303 16.70 -6.67 10.20
N GLY B 304 17.14 -5.48 10.60
CA GLY B 304 18.48 -5.04 10.31
C GLY B 304 19.50 -5.62 11.28
N SER B 305 20.73 -5.11 11.18
CA SER B 305 21.81 -5.59 12.03
C SER B 305 21.51 -5.32 13.50
N ASP B 306 20.96 -4.14 13.80
CA ASP B 306 20.65 -3.75 15.17
C ASP B 306 19.36 -4.38 15.70
N GLY B 307 18.63 -5.12 14.87
CA GLY B 307 17.29 -5.56 15.20
C GLY B 307 16.21 -4.58 14.81
N LYS B 308 16.56 -3.46 14.19
CA LYS B 308 15.58 -2.49 13.74
C LYS B 308 14.99 -2.94 12.40
N LEU B 309 13.66 -2.86 12.29
CA LEU B 309 12.99 -3.22 11.05
C LEU B 309 13.23 -2.15 9.99
N GLN B 310 13.47 -2.58 8.76
CA GLN B 310 13.67 -1.70 7.62
C GLN B 310 12.75 -2.12 6.49
N GLU B 311 11.94 -1.18 6.00
CA GLU B 311 11.01 -1.48 4.91
C GLU B 311 11.76 -1.43 3.58
N VAL B 312 12.19 -2.60 3.10
CA VAL B 312 13.03 -2.69 1.91
C VAL B 312 12.26 -3.31 0.77
N GLY B 313 11.23 -4.10 1.09
CA GLY B 313 10.49 -4.85 0.09
C GLY B 313 11.08 -6.23 -0.12
N GLN B 314 10.32 -7.06 -0.84
CA GLN B 314 10.71 -8.44 -1.05
C GLN B 314 10.05 -8.98 -2.30
N VAL B 315 10.73 -9.91 -2.95
CA VAL B 315 10.19 -10.63 -4.10
C VAL B 315 10.43 -12.12 -3.87
N SER B 316 9.36 -12.90 -3.87
CA SER B 316 9.47 -14.34 -3.71
C SER B 316 9.62 -15.00 -5.08
N VAL B 317 10.72 -15.73 -5.26
CA VAL B 317 11.00 -16.44 -6.50
C VAL B 317 10.72 -17.91 -6.25
N SER B 318 9.71 -18.44 -6.94
CA SER B 318 9.20 -19.78 -6.70
C SER B 318 9.34 -20.60 -7.97
N LEU B 319 10.24 -21.58 -7.96
CA LEU B 319 10.50 -22.41 -9.13
C LEU B 319 9.59 -23.63 -9.12
N GLN B 320 8.83 -23.82 -10.20
CA GLN B 320 7.95 -24.96 -10.33
C GLN B 320 8.76 -26.23 -10.61
N ARG B 321 8.26 -27.35 -10.08
CA ARG B 321 8.90 -28.65 -10.24
C ARG B 321 7.89 -29.65 -10.77
N ALA B 322 8.39 -30.70 -11.42
CA ALA B 322 7.52 -31.68 -12.05
C ALA B 322 6.63 -32.41 -11.05
N SER B 323 7.02 -32.44 -9.78
CA SER B 323 6.22 -33.13 -8.77
C SER B 323 4.91 -32.42 -8.46
N GLY B 324 4.72 -31.19 -8.93
CA GLY B 324 3.53 -30.43 -8.61
C GLY B 324 3.72 -29.62 -7.34
N ASP B 325 4.91 -29.05 -7.17
CA ASP B 325 5.23 -28.23 -6.02
C ASP B 325 6.17 -27.11 -6.46
N PHE B 326 6.65 -26.33 -5.50
CA PHE B 326 7.52 -25.20 -5.77
C PHE B 326 8.65 -25.14 -4.75
N GLN B 327 9.72 -24.44 -5.14
CA GLN B 327 10.85 -24.14 -4.26
C GLN B 327 11.01 -22.63 -4.24
N THR B 328 10.90 -22.03 -3.06
CA THR B 328 10.78 -20.59 -2.93
C THR B 328 12.10 -19.99 -2.44
N THR B 329 12.49 -18.88 -3.05
CA THR B 329 13.65 -18.10 -2.65
C THR B 329 13.22 -16.65 -2.45
N LYS B 330 13.63 -16.07 -1.34
CA LYS B 330 13.27 -14.70 -0.99
C LYS B 330 14.37 -13.75 -1.46
N LEU B 331 13.97 -12.70 -2.17
CA LEU B 331 14.87 -11.68 -2.68
C LEU B 331 14.49 -10.35 -2.07
N ASN B 332 15.31 -9.85 -1.15
CA ASN B 332 15.01 -8.64 -0.41
C ASN B 332 15.47 -7.40 -1.16
N GLY B 333 14.92 -6.26 -0.76
CA GLY B 333 15.30 -5.00 -1.34
C GLY B 333 16.64 -4.53 -0.82
N PHE B 334 17.14 -3.45 -1.44
CA PHE B 334 18.46 -2.91 -1.13
C PHE B 334 18.41 -1.55 -0.45
N GLU B 335 17.26 -0.88 -0.45
CA GLU B 335 17.13 0.45 0.15
C GLU B 335 15.80 0.52 0.88
N VAL B 336 15.73 1.39 1.87
CA VAL B 336 14.54 1.50 2.72
C VAL B 336 13.52 2.40 2.04
N PHE B 337 12.26 1.96 2.04
CA PHE B 337 11.12 2.66 1.45
C PHE B 337 11.20 2.76 -0.07
N ALA B 338 12.09 1.99 -0.70
CA ALA B 338 12.17 2.01 -2.16
C ALA B 338 11.07 1.16 -2.81
N ARG B 339 10.45 0.26 -2.03
CA ARG B 339 9.37 -0.60 -2.52
C ARG B 339 9.87 -1.54 -3.62
N PHE B 340 10.93 -2.28 -3.30
CA PHE B 340 11.41 -3.35 -4.15
C PHE B 340 10.32 -4.41 -4.31
N GLY B 341 10.07 -4.81 -5.56
CA GLY B 341 9.01 -5.75 -5.87
C GLY B 341 7.71 -5.13 -6.31
N SER B 342 7.69 -3.82 -6.59
CA SER B 342 6.49 -3.18 -7.10
C SER B 342 6.11 -3.72 -8.46
N ALA B 343 7.09 -3.88 -9.36
CA ALA B 343 6.86 -4.38 -10.70
C ALA B 343 7.80 -5.54 -10.97
N ILE B 344 7.29 -6.57 -11.65
CA ILE B 344 8.07 -7.75 -11.99
C ILE B 344 7.83 -8.08 -13.45
N ALA B 345 8.76 -7.67 -14.32
CA ALA B 345 8.61 -7.87 -15.76
C ALA B 345 9.53 -8.99 -16.22
N PRO B 346 9.03 -10.15 -16.61
CA PRO B 346 9.91 -11.14 -17.25
C PRO B 346 10.50 -10.58 -18.53
N LEU B 347 11.76 -10.88 -18.78
CA LEU B 347 12.50 -10.34 -19.91
C LEU B 347 12.70 -11.34 -21.04
N GLY B 348 12.29 -12.59 -20.86
CA GLY B 348 12.76 -13.59 -21.79
C GLY B 348 14.25 -13.81 -21.55
N ASP B 349 14.93 -14.30 -22.58
CA ASP B 349 16.37 -14.52 -22.51
C ASP B 349 17.05 -13.24 -22.99
N LEU B 350 17.30 -12.34 -22.03
CA LEU B 350 17.85 -11.02 -22.36
C LEU B 350 19.17 -11.12 -23.11
N ASP B 351 19.98 -12.13 -22.81
CA ASP B 351 21.31 -12.28 -23.39
C ASP B 351 21.53 -13.64 -24.04
N GLN B 352 20.50 -14.47 -24.15
CA GLN B 352 20.55 -15.73 -24.89
C GLN B 352 21.62 -16.67 -24.33
N ASP B 353 21.49 -16.97 -23.03
CA ASP B 353 22.21 -18.12 -22.47
C ASP B 353 21.44 -19.41 -22.71
N GLY B 354 20.15 -19.31 -22.98
CA GLY B 354 19.23 -20.42 -22.82
C GLY B 354 18.46 -20.37 -21.52
N PHE B 355 18.54 -19.27 -20.78
CA PHE B 355 17.88 -19.13 -19.48
C PHE B 355 17.26 -17.75 -19.41
N ASN B 356 15.95 -17.70 -19.17
CA ASN B 356 15.24 -16.43 -19.17
C ASN B 356 15.64 -15.58 -17.96
N ASP B 357 15.47 -14.27 -18.11
CA ASP B 357 15.79 -13.30 -17.07
C ASP B 357 14.51 -12.59 -16.63
N ILE B 358 14.64 -11.77 -15.59
CA ILE B 358 13.51 -11.06 -15.01
C ILE B 358 13.98 -9.71 -14.49
N ALA B 359 13.11 -8.71 -14.58
CA ALA B 359 13.39 -7.37 -14.08
C ALA B 359 12.48 -7.05 -12.91
N ILE B 360 13.06 -6.48 -11.85
CA ILE B 360 12.32 -6.08 -10.66
C ILE B 360 12.63 -4.60 -10.42
N ALA B 361 11.59 -3.84 -10.09
CA ALA B 361 11.70 -2.40 -9.91
C ALA B 361 11.44 -2.01 -8.46
N ALA B 362 12.17 -0.99 -8.01
CA ALA B 362 11.90 -0.29 -6.74
C ALA B 362 11.64 1.16 -7.12
N PRO B 363 10.38 1.55 -7.33
CA PRO B 363 10.12 2.85 -7.98
C PRO B 363 10.47 4.07 -7.15
N TYR B 364 10.81 3.92 -5.87
CA TYR B 364 11.21 5.05 -5.03
C TYR B 364 12.62 4.91 -4.48
N GLY B 365 13.42 4.01 -5.06
CA GLY B 365 14.81 3.85 -4.65
C GLY B 365 15.76 4.70 -5.48
N GLY B 366 17.04 4.47 -5.25
CA GLY B 366 18.07 5.19 -5.95
C GLY B 366 18.34 6.55 -5.36
N GLU B 367 19.17 7.31 -6.07
CA GLU B 367 19.46 8.68 -5.65
C GLU B 367 18.22 9.56 -5.79
N ASP B 368 17.94 10.33 -4.74
CA ASP B 368 16.80 11.24 -4.73
C ASP B 368 15.46 10.51 -4.89
N LYS B 369 15.45 9.20 -4.61
CA LYS B 369 14.25 8.39 -4.76
C LYS B 369 13.69 8.48 -6.18
N LYS B 370 14.57 8.46 -7.18
CA LYS B 370 14.14 8.60 -8.57
C LYS B 370 13.54 7.31 -9.13
N GLY B 371 13.77 6.18 -8.46
CA GLY B 371 13.33 4.90 -8.96
C GLY B 371 14.48 4.13 -9.59
N ILE B 372 14.51 2.82 -9.39
CA ILE B 372 15.59 1.97 -9.85
C ILE B 372 15.02 0.64 -10.31
N VAL B 373 15.61 0.06 -11.34
CA VAL B 373 15.19 -1.22 -11.90
C VAL B 373 16.39 -2.17 -11.84
N TYR B 374 16.17 -3.36 -11.28
CA TYR B 374 17.20 -4.37 -11.12
C TYR B 374 16.97 -5.50 -12.11
N ILE B 375 18.02 -5.89 -12.82
CA ILE B 375 17.98 -6.99 -13.79
C ILE B 375 18.64 -8.21 -13.17
N PHE B 376 17.96 -9.34 -13.23
CA PHE B 376 18.44 -10.60 -12.67
C PHE B 376 18.42 -11.67 -13.75
N ASN B 377 19.53 -12.39 -13.89
CA ASN B 377 19.68 -13.39 -14.94
C ASN B 377 19.27 -14.76 -14.43
N GLY B 378 18.91 -15.64 -15.37
CA GLY B 378 18.49 -16.98 -15.02
C GLY B 378 19.64 -17.97 -15.06
N ARG B 379 19.44 -19.10 -14.38
CA ARG B 379 20.44 -20.14 -14.29
C ARG B 379 19.74 -21.49 -14.18
N SER B 380 20.50 -22.55 -14.47
CA SER B 380 19.97 -23.89 -14.25
C SER B 380 19.54 -24.10 -12.81
N THR B 381 20.21 -23.41 -11.86
CA THR B 381 19.84 -23.54 -10.46
C THR B 381 18.57 -22.76 -10.14
N GLY B 382 18.40 -21.60 -10.74
CA GLY B 382 17.26 -20.75 -10.48
C GLY B 382 17.54 -19.33 -10.97
N LEU B 383 17.24 -18.37 -10.11
CA LEU B 383 17.54 -16.98 -10.41
C LEU B 383 18.82 -16.55 -9.70
N ASN B 384 19.75 -15.97 -10.48
CA ASN B 384 20.96 -15.42 -9.90
C ASN B 384 20.59 -14.24 -9.02
N ALA B 385 20.74 -14.39 -7.70
CA ALA B 385 20.22 -13.44 -6.74
C ALA B 385 21.03 -12.16 -6.64
N VAL B 386 22.01 -11.94 -7.51
CA VAL B 386 22.80 -10.71 -7.55
C VAL B 386 22.43 -9.98 -8.83
N PRO B 387 21.91 -8.74 -8.75
CA PRO B 387 21.48 -8.07 -9.99
C PRO B 387 22.65 -7.84 -10.93
N SER B 388 22.56 -8.46 -12.11
CA SER B 388 23.59 -8.31 -13.12
C SER B 388 23.64 -6.92 -13.71
N GLN B 389 22.57 -6.13 -13.57
CA GLN B 389 22.56 -4.77 -14.08
C GLN B 389 21.61 -3.92 -13.24
N ILE B 390 21.92 -2.64 -13.15
CA ILE B 390 21.12 -1.66 -12.45
C ILE B 390 20.67 -0.60 -13.45
N LEU B 391 19.37 -0.31 -13.47
CA LEU B 391 18.79 0.74 -14.30
C LEU B 391 18.28 1.84 -13.38
N GLU B 392 18.76 3.06 -13.59
CA GLU B 392 18.48 4.19 -12.72
C GLU B 392 17.61 5.22 -13.44
N GLY B 393 16.56 5.67 -12.75
CA GLY B 393 15.73 6.73 -13.27
C GLY B 393 16.50 8.02 -13.45
N GLN B 394 16.26 8.71 -14.57
CA GLN B 394 17.02 9.92 -14.88
C GLN B 394 16.28 11.18 -14.47
N TRP B 395 14.95 11.14 -14.47
CA TRP B 395 14.16 12.36 -14.35
C TRP B 395 14.00 12.77 -12.89
N ALA B 396 14.20 14.05 -12.62
CA ALA B 396 14.05 14.56 -11.26
C ALA B 396 12.57 14.67 -10.89
N ALA B 397 12.32 14.84 -9.60
CA ALA B 397 10.95 14.82 -9.10
C ALA B 397 10.25 16.14 -9.38
N ARG B 398 9.03 16.04 -9.92
CA ARG B 398 8.07 17.12 -9.94
C ARG B 398 7.22 17.02 -8.68
N SER B 399 6.07 17.69 -8.65
CA SER B 399 5.19 17.67 -7.48
C SER B 399 5.01 16.28 -6.87
N MET B 400 5.15 15.22 -7.66
CA MET B 400 5.09 13.85 -7.17
C MET B 400 6.33 13.11 -7.66
N PRO B 401 6.73 12.05 -6.98
CA PRO B 401 8.01 11.39 -7.29
C PRO B 401 8.00 10.80 -8.70
N PRO B 402 9.16 10.71 -9.37
CA PRO B 402 9.15 10.20 -10.74
C PRO B 402 8.60 8.79 -10.87
N SER B 403 8.84 7.94 -9.88
CA SER B 403 8.32 6.58 -9.89
C SER B 403 8.80 5.78 -11.11
N PHE B 404 10.09 5.88 -11.40
CA PHE B 404 10.68 5.11 -12.49
C PHE B 404 10.63 3.62 -12.16
N GLY B 405 10.15 2.83 -13.12
CA GLY B 405 10.00 1.41 -12.91
C GLY B 405 8.68 0.98 -12.34
N TYR B 406 7.73 1.90 -12.18
CA TYR B 406 6.41 1.53 -11.66
C TYR B 406 5.71 0.54 -12.59
N SER B 407 5.85 0.74 -13.89
CA SER B 407 5.33 -0.18 -14.90
C SER B 407 6.43 -0.50 -15.89
N MET B 408 6.47 -1.75 -16.34
CA MET B 408 7.55 -2.22 -17.22
C MET B 408 7.07 -3.43 -17.99
N LYS B 409 7.65 -3.62 -19.18
CA LYS B 409 7.34 -4.74 -20.05
C LYS B 409 8.56 -5.11 -20.87
N GLY B 410 8.75 -6.42 -21.08
CA GLY B 410 9.84 -6.91 -21.89
C GLY B 410 9.45 -8.09 -22.76
N ALA B 411 10.39 -8.97 -23.04
CA ALA B 411 10.18 -10.20 -23.79
C ALA B 411 9.75 -9.96 -25.23
N THR B 412 10.06 -8.79 -25.79
CA THR B 412 9.79 -8.49 -27.19
C THR B 412 11.04 -7.90 -27.82
N ASP B 413 11.44 -8.46 -28.96
CA ASP B 413 12.61 -7.99 -29.70
C ASP B 413 12.12 -6.96 -30.70
N ILE B 414 11.99 -5.71 -30.23
CA ILE B 414 11.37 -4.67 -31.05
C ILE B 414 12.25 -4.31 -32.25
N ASP B 415 13.57 -4.32 -32.08
CA ASP B 415 14.49 -3.94 -33.15
C ASP B 415 14.92 -5.13 -34.01
N LYS B 416 14.38 -6.32 -33.76
CA LYS B 416 14.62 -7.49 -34.59
C LYS B 416 16.10 -7.86 -34.65
N ASN B 417 16.84 -7.58 -33.58
CA ASN B 417 18.24 -7.95 -33.48
C ASN B 417 18.46 -9.27 -32.75
N GLY B 418 17.39 -9.97 -32.39
CA GLY B 418 17.49 -11.28 -31.78
C GLY B 418 17.46 -11.28 -30.26
N TYR B 419 17.53 -10.12 -29.63
CA TYR B 419 17.69 -9.98 -28.19
C TYR B 419 16.50 -9.22 -27.61
N PRO B 420 15.77 -9.78 -26.63
CA PRO B 420 14.58 -9.07 -26.12
C PRO B 420 14.93 -7.73 -25.52
N ASP B 421 14.01 -6.78 -25.67
CA ASP B 421 14.17 -5.43 -25.16
C ASP B 421 13.24 -5.20 -23.96
N LEU B 422 13.25 -3.98 -23.47
CA LEU B 422 12.53 -3.62 -22.24
C LEU B 422 12.03 -2.19 -22.34
N ILE B 423 10.79 -1.98 -21.92
CA ILE B 423 10.20 -0.64 -21.81
C ILE B 423 9.89 -0.39 -20.35
N VAL B 424 10.22 0.81 -19.87
CA VAL B 424 10.00 1.21 -18.49
C VAL B 424 9.20 2.51 -18.50
N GLY B 425 8.22 2.60 -17.61
CA GLY B 425 7.35 3.76 -17.51
C GLY B 425 7.58 4.49 -16.19
N ALA B 426 7.61 5.82 -16.27
CA ALA B 426 7.72 6.70 -15.11
C ALA B 426 6.55 7.66 -15.16
N PHE B 427 5.41 7.24 -14.60
CA PHE B 427 4.19 8.02 -14.69
C PHE B 427 4.25 9.29 -13.85
N GLY B 428 5.12 9.33 -12.84
CA GLY B 428 5.24 10.54 -12.03
C GLY B 428 5.78 11.72 -12.79
N VAL B 429 6.58 11.48 -13.83
CA VAL B 429 7.09 12.52 -14.72
C VAL B 429 6.55 12.38 -16.13
N ASP B 430 5.62 11.44 -16.35
CA ASP B 430 4.99 11.25 -17.65
C ASP B 430 6.04 10.86 -18.70
N ARG B 431 6.78 9.80 -18.43
CA ARG B 431 7.85 9.33 -19.29
C ARG B 431 7.76 7.83 -19.49
N ALA B 432 8.13 7.38 -20.69
CA ALA B 432 8.33 5.97 -20.98
C ALA B 432 9.67 5.81 -21.70
N ILE B 433 10.43 4.80 -21.29
CA ILE B 433 11.82 4.62 -21.73
C ILE B 433 11.97 3.20 -22.26
N LEU B 434 12.57 3.07 -23.44
CA LEU B 434 12.88 1.78 -24.04
C LEU B 434 14.37 1.51 -23.90
N TYR B 435 14.71 0.35 -23.35
CA TYR B 435 16.09 -0.12 -23.27
C TYR B 435 16.26 -1.31 -24.20
N ARG B 436 17.25 -1.21 -25.09
CA ARG B 436 17.48 -2.24 -26.10
C ARG B 436 18.66 -3.10 -25.68
N ALA B 437 18.45 -4.41 -25.65
CA ALA B 437 19.49 -5.34 -25.24
C ALA B 437 20.60 -5.37 -26.30
N ARG B 438 21.83 -5.12 -25.86
CA ARG B 438 22.97 -5.17 -26.76
C ARG B 438 23.34 -6.63 -27.05
N PRO B 439 24.01 -6.89 -28.17
CA PRO B 439 24.44 -8.26 -28.46
C PRO B 439 25.67 -8.65 -27.65
N VAL B 440 25.73 -9.92 -27.28
CA VAL B 440 26.83 -10.44 -26.47
C VAL B 440 27.93 -11.04 -27.35
N GLY B 446 22.78 -12.43 -32.91
CA GLY B 446 22.26 -11.60 -33.98
C GLY B 446 22.73 -10.16 -33.88
N ILE C 72 22.51 17.46 32.82
CA ILE C 72 21.35 18.13 32.15
C ILE C 72 20.17 17.17 32.09
N ASN C 73 20.40 15.99 31.52
CA ASN C 73 19.31 15.04 31.33
C ASN C 73 18.79 14.54 32.68
N THR C 74 17.46 14.45 32.77
CA THR C 74 16.82 14.00 34.00
C THR C 74 16.70 12.48 34.07
N GLN C 75 16.64 11.81 32.92
CA GLN C 75 16.31 10.39 32.89
C GLN C 75 17.40 9.55 32.22
N VAL C 76 17.97 10.06 31.13
CA VAL C 76 18.95 9.33 30.33
C VAL C 76 20.30 10.01 30.50
N THR C 77 21.23 9.33 31.18
CA THR C 77 22.54 9.87 31.45
C THR C 77 23.60 8.84 31.07
N PRO C 78 24.72 9.27 30.44
CA PRO C 78 25.07 10.63 30.01
C PRO C 78 24.29 11.07 28.78
N GLY C 79 23.98 12.37 28.67
CA GLY C 79 23.25 12.86 27.51
C GLY C 79 24.12 13.05 26.28
N GLU C 80 25.42 13.27 26.46
CA GLU C 80 26.35 13.46 25.36
C GLU C 80 27.64 12.71 25.68
N VAL C 81 28.16 12.00 24.69
CA VAL C 81 29.37 11.22 24.83
C VAL C 81 30.26 11.47 23.62
N SER C 82 31.57 11.62 23.87
CA SER C 82 32.57 11.77 22.83
C SER C 82 33.63 10.70 23.00
N ILE C 83 33.87 9.92 21.94
CA ILE C 83 34.83 8.84 21.98
C ILE C 83 35.70 8.90 20.72
N GLN C 84 36.82 8.19 20.78
CA GLN C 84 37.75 8.09 19.67
C GLN C 84 37.83 6.64 19.21
N LEU C 85 38.10 6.44 17.92
CA LEU C 85 38.19 5.11 17.34
C LEU C 85 39.19 5.11 16.20
N ARG C 86 39.75 3.93 15.93
CA ARG C 86 40.63 3.72 14.79
C ARG C 86 40.25 2.40 14.14
N PRO C 87 40.49 2.25 12.84
CA PRO C 87 40.00 1.07 12.12
C PRO C 87 40.50 -0.23 12.77
N GLY C 88 39.57 -1.17 12.95
CA GLY C 88 39.86 -2.41 13.63
C GLY C 88 39.77 -2.33 15.15
N ALA C 89 39.66 -1.13 15.71
CA ALA C 89 39.57 -0.96 17.15
C ALA C 89 38.11 -0.93 17.60
N GLU C 90 37.92 -0.86 18.91
CA GLU C 90 36.60 -0.84 19.52
C GLU C 90 36.57 0.15 20.67
N ALA C 91 35.38 0.41 21.17
CA ALA C 91 35.18 1.25 22.34
C ALA C 91 33.86 0.87 22.98
N ASN C 92 33.69 1.24 24.25
CA ASN C 92 32.45 0.92 24.96
C ASN C 92 32.24 1.92 26.07
N PHE C 93 30.97 2.08 26.43
CA PHE C 93 30.57 2.94 27.54
C PHE C 93 29.23 2.44 28.06
N MET C 94 28.87 2.92 29.26
CA MET C 94 27.66 2.48 29.94
C MET C 94 26.63 3.60 29.87
N LEU C 95 25.43 3.25 29.40
CA LEU C 95 24.32 4.20 29.30
C LEU C 95 23.28 3.86 30.35
N LYS C 96 22.84 4.86 31.10
CA LYS C 96 21.89 4.69 32.18
C LYS C 96 20.59 5.41 31.84
N VAL C 97 19.47 4.70 31.97
CA VAL C 97 18.15 5.26 31.76
C VAL C 97 17.37 5.11 33.05
N HIS C 98 16.90 6.22 33.60
CA HIS C 98 16.35 6.28 34.96
C HIS C 98 14.98 6.96 34.93
N PRO C 99 13.89 6.20 34.89
CA PRO C 99 12.56 6.83 34.93
C PRO C 99 12.35 7.57 36.24
N LEU C 100 11.59 8.66 36.17
CA LEU C 100 11.30 9.44 37.36
C LEU C 100 9.91 9.11 37.88
N LYS C 101 9.51 9.79 38.95
CA LYS C 101 8.36 9.32 39.73
C LYS C 101 7.05 9.65 39.05
N LYS C 102 6.83 10.92 38.71
CA LYS C 102 5.61 11.36 38.06
C LYS C 102 5.93 12.13 36.79
N TYR C 103 5.15 11.84 35.74
CA TYR C 103 5.17 12.46 34.41
C TYR C 103 3.95 13.33 34.20
N PRO C 104 4.09 14.54 33.63
CA PRO C 104 2.92 15.20 33.06
C PRO C 104 2.46 14.45 31.81
N VAL C 105 1.17 14.16 31.75
CA VAL C 105 0.62 13.24 30.75
C VAL C 105 -0.21 14.03 29.75
N ASP C 106 0.05 13.80 28.47
CA ASP C 106 -0.77 14.30 27.37
C ASP C 106 -1.44 13.12 26.71
N LEU C 107 -2.77 13.03 26.84
CA LEU C 107 -3.55 11.94 26.28
C LEU C 107 -4.52 12.51 25.25
N TYR C 108 -4.37 12.08 24.00
CA TYR C 108 -5.24 12.53 22.92
C TYR C 108 -6.14 11.37 22.50
N TYR C 109 -7.44 11.64 22.44
CA TYR C 109 -8.44 10.63 22.10
C TYR C 109 -8.77 10.75 20.62
N LEU C 110 -8.08 9.96 19.79
CA LEU C 110 -8.36 9.89 18.36
C LEU C 110 -9.38 8.78 18.16
N VAL C 111 -10.59 9.15 17.74
CA VAL C 111 -11.75 8.26 17.77
C VAL C 111 -12.17 7.91 16.35
N ASP C 112 -12.68 6.69 16.19
CA ASP C 112 -13.31 6.25 14.96
C ASP C 112 -14.78 6.61 15.01
N VAL C 113 -15.17 7.62 14.23
CA VAL C 113 -16.52 8.16 14.28
C VAL C 113 -17.36 7.61 13.13
N SER C 114 -16.93 6.48 12.57
CA SER C 114 -17.68 5.86 11.49
C SER C 114 -19.01 5.32 12.01
N ALA C 115 -19.86 4.89 11.09
CA ALA C 115 -21.17 4.37 11.44
C ALA C 115 -21.10 3.07 12.24
N SER C 116 -19.93 2.43 12.27
CA SER C 116 -19.78 1.20 13.05
C SER C 116 -19.53 1.47 14.53
N MET C 117 -19.26 2.72 14.91
CA MET C 117 -18.97 3.09 16.28
C MET C 117 -20.11 3.88 16.93
N HIS C 118 -21.34 3.71 16.44
CA HIS C 118 -22.48 4.44 16.98
C HIS C 118 -22.76 4.07 18.43
N ASN C 119 -22.72 2.78 18.76
CA ASN C 119 -22.97 2.36 20.14
C ASN C 119 -21.82 2.75 21.06
N ASN C 120 -20.62 2.96 20.51
CA ASN C 120 -19.43 3.25 21.30
C ASN C 120 -19.24 4.72 21.61
N ILE C 121 -19.58 5.62 20.67
CA ILE C 121 -19.22 7.02 20.84
C ILE C 121 -19.92 7.65 22.04
N GLU C 122 -21.15 7.23 22.33
CA GLU C 122 -21.88 7.79 23.47
C GLU C 122 -21.17 7.53 24.78
N LYS C 123 -20.32 6.51 24.86
CA LYS C 123 -19.64 6.15 26.09
C LYS C 123 -18.39 7.00 26.35
N LEU C 124 -18.04 7.91 25.43
CA LEU C 124 -16.90 8.79 25.66
C LEU C 124 -17.20 9.84 26.71
N ASN C 125 -18.48 10.05 27.06
CA ASN C 125 -18.82 11.03 28.08
C ASN C 125 -18.25 10.65 29.45
N SER C 126 -17.93 9.36 29.63
CA SER C 126 -17.47 8.87 30.93
C SER C 126 -15.95 8.91 31.09
N VAL C 127 -15.20 9.33 30.06
CA VAL C 127 -13.75 9.33 30.13
C VAL C 127 -13.18 10.70 30.47
N GLY C 128 -13.99 11.55 31.12
CA GLY C 128 -13.56 12.88 31.50
C GLY C 128 -13.18 12.95 32.96
N ASN C 129 -14.13 13.38 33.80
CA ASN C 129 -13.85 13.55 35.23
C ASN C 129 -13.25 12.29 35.83
N ASP C 130 -13.89 11.13 35.59
CA ASP C 130 -13.43 9.89 36.22
C ASP C 130 -12.00 9.56 35.81
N LEU C 131 -11.69 9.70 34.52
CA LEU C 131 -10.34 9.42 34.06
C LEU C 131 -9.34 10.39 34.67
N SER C 132 -9.71 11.66 34.80
CA SER C 132 -8.80 12.63 35.41
C SER C 132 -8.51 12.29 36.86
N ARG C 133 -9.55 11.92 37.62
CA ARG C 133 -9.33 11.53 39.01
C ARG C 133 -8.52 10.25 39.12
N LYS C 134 -8.71 9.31 38.19
CA LYS C 134 -7.88 8.11 38.18
C LYS C 134 -6.42 8.43 37.90
N MET C 135 -6.18 9.32 36.92
CA MET C 135 -4.81 9.60 36.49
C MET C 135 -4.11 10.61 37.38
N ALA C 136 -4.83 11.27 38.29
CA ALA C 136 -4.17 12.15 39.24
C ALA C 136 -3.13 11.41 40.07
N PHE C 137 -3.34 10.11 40.29
CA PHE C 137 -2.47 9.33 41.17
C PHE C 137 -1.19 8.88 40.48
N PHE C 138 -1.13 8.94 39.14
CA PHE C 138 0.01 8.45 38.39
C PHE C 138 0.70 9.51 37.56
N SER C 139 0.19 10.74 37.55
CA SER C 139 0.74 11.81 36.71
C SER C 139 0.89 13.08 37.52
N ARG C 140 1.94 13.83 37.22
CA ARG C 140 2.09 15.17 37.79
C ARG C 140 0.90 16.03 37.41
N ASP C 141 0.53 16.03 36.13
CA ASP C 141 -0.70 16.65 35.65
C ASP C 141 -1.15 15.87 34.42
N PHE C 142 -2.44 16.03 34.09
CA PHE C 142 -3.09 15.21 33.09
C PHE C 142 -3.81 16.10 32.09
N ARG C 143 -3.56 15.89 30.80
CA ARG C 143 -4.19 16.65 29.74
C ARG C 143 -5.05 15.72 28.87
N LEU C 144 -6.02 16.31 28.17
CA LEU C 144 -6.93 15.58 27.31
C LEU C 144 -7.18 16.35 26.01
N GLY C 145 -7.35 15.58 24.94
CA GLY C 145 -7.69 16.15 23.64
C GLY C 145 -8.53 15.17 22.86
N PHE C 146 -9.24 15.68 21.86
CA PHE C 146 -10.18 14.89 21.08
C PHE C 146 -9.94 15.08 19.59
N GLY C 147 -10.16 14.01 18.83
CA GLY C 147 -10.02 14.03 17.39
C GLY C 147 -10.72 12.84 16.80
N SER C 148 -11.07 12.93 15.52
CA SER C 148 -11.91 11.94 14.89
C SER C 148 -11.46 11.68 13.45
N TYR C 149 -11.83 10.52 12.95
CA TYR C 149 -11.58 10.12 11.56
C TYR C 149 -12.65 9.12 11.15
N VAL C 150 -12.90 9.03 9.84
CA VAL C 150 -13.66 7.89 9.31
C VAL C 150 -12.88 7.24 8.18
N ASP C 151 -12.58 7.98 7.12
CA ASP C 151 -11.93 7.38 5.96
C ASP C 151 -11.64 8.47 4.94
N LYS C 152 -10.93 8.10 3.87
CA LYS C 152 -10.81 8.98 2.73
C LYS C 152 -12.16 9.16 2.06
N THR C 153 -12.48 10.40 1.69
CA THR C 153 -13.80 10.74 1.16
C THR C 153 -13.84 10.63 -0.37
N VAL C 154 -13.49 9.45 -0.88
CA VAL C 154 -13.50 9.19 -2.32
C VAL C 154 -14.06 7.81 -2.57
N SER C 155 -14.56 7.61 -3.79
CA SER C 155 -14.91 6.27 -4.22
C SER C 155 -13.65 5.43 -4.31
N PRO C 156 -13.71 4.13 -3.99
CA PRO C 156 -14.86 3.31 -3.62
C PRO C 156 -15.18 3.32 -2.13
N TYR C 157 -14.50 4.16 -1.34
CA TYR C 157 -14.66 4.08 0.11
C TYR C 157 -15.99 4.65 0.57
N ILE C 158 -16.45 5.74 -0.06
CA ILE C 158 -17.74 6.32 0.24
C ILE C 158 -18.62 6.22 -0.99
N SER C 159 -19.92 6.40 -0.79
CA SER C 159 -20.84 6.53 -1.91
C SER C 159 -20.88 7.98 -2.36
N ILE C 160 -20.57 8.23 -3.63
CA ILE C 160 -20.46 9.58 -4.16
C ILE C 160 -21.71 10.00 -4.90
N HIS C 161 -22.82 9.30 -4.71
CA HIS C 161 -24.10 9.79 -5.20
C HIS C 161 -24.45 11.06 -4.42
N PRO C 162 -24.99 12.10 -5.07
CA PRO C 162 -25.17 13.37 -4.35
C PRO C 162 -26.03 13.28 -3.10
N GLU C 163 -26.95 12.33 -3.02
CA GLU C 163 -27.73 12.16 -1.79
C GLU C 163 -26.90 11.51 -0.70
N ARG C 164 -26.14 10.46 -1.05
CA ARG C 164 -25.36 9.73 -0.04
C ARG C 164 -24.00 10.37 0.21
N ILE C 165 -23.59 11.33 -0.60
CA ILE C 165 -22.22 11.83 -0.55
C ILE C 165 -21.93 12.51 0.79
N HIS C 166 -22.88 13.32 1.27
CA HIS C 166 -22.70 14.08 2.50
C HIS C 166 -23.52 13.55 3.66
N ASN C 167 -24.47 12.64 3.40
CA ASN C 167 -25.20 11.96 4.47
C ASN C 167 -25.22 10.48 4.11
N GLN C 168 -24.17 9.78 4.54
CA GLN C 168 -23.96 8.40 4.11
C GLN C 168 -24.98 7.45 4.72
N CYS C 169 -25.74 7.89 5.71
CA CYS C 169 -26.79 7.08 6.32
C CYS C 169 -28.18 7.46 5.82
N SER C 170 -28.28 7.98 4.59
CA SER C 170 -29.56 8.47 4.09
C SER C 170 -30.59 7.35 4.00
N ASP C 171 -30.18 6.20 3.48
CA ASP C 171 -31.12 5.09 3.33
C ASP C 171 -31.64 4.62 4.69
N TYR C 172 -30.80 4.64 5.71
CA TYR C 172 -31.17 4.20 7.05
C TYR C 172 -31.76 5.32 7.91
N ASN C 173 -31.76 6.56 7.40
CA ASN C 173 -32.41 7.69 8.05
C ASN C 173 -31.84 7.95 9.44
N LEU C 174 -30.56 8.29 9.45
CA LEU C 174 -29.87 8.79 10.63
C LEU C 174 -29.29 10.16 10.33
N ASP C 175 -29.13 10.97 11.38
CA ASP C 175 -28.53 12.29 11.24
C ASP C 175 -27.02 12.18 11.24
N CYS C 176 -26.46 11.59 10.19
CA CYS C 176 -25.03 11.34 10.14
C CYS C 176 -24.29 12.56 9.60
N MET C 177 -23.16 12.87 10.22
CA MET C 177 -22.33 13.97 9.77
C MET C 177 -21.65 13.60 8.44
N PRO C 178 -21.29 14.58 7.62
CA PRO C 178 -20.55 14.27 6.39
C PRO C 178 -19.22 13.60 6.70
N PRO C 179 -18.79 12.62 5.90
CA PRO C 179 -17.52 11.94 6.19
C PRO C 179 -16.33 12.86 5.99
N HIS C 180 -15.26 12.58 6.75
CA HIS C 180 -14.05 13.38 6.71
C HIS C 180 -12.85 12.47 6.93
N GLY C 181 -11.69 12.93 6.49
CA GLY C 181 -10.48 12.18 6.70
C GLY C 181 -10.05 12.17 8.15
N TYR C 182 -9.66 13.33 8.67
CA TYR C 182 -9.24 13.46 10.07
C TYR C 182 -9.48 14.90 10.49
N ILE C 183 -10.30 15.08 11.53
CA ILE C 183 -10.62 16.40 12.05
C ILE C 183 -10.04 16.52 13.46
N HIS C 184 -9.35 17.62 13.72
CA HIS C 184 -8.82 17.91 15.05
C HIS C 184 -9.87 18.74 15.80
N VAL C 185 -10.44 18.16 16.85
CA VAL C 185 -11.57 18.79 17.54
C VAL C 185 -11.10 19.68 18.68
N LEU C 186 -10.17 19.20 19.51
CA LEU C 186 -9.79 19.90 20.74
C LEU C 186 -8.32 19.64 21.03
N SER C 187 -7.54 20.71 21.18
CA SER C 187 -6.15 20.56 21.55
C SER C 187 -6.04 20.11 23.01
N LEU C 188 -4.86 19.58 23.35
CA LEU C 188 -4.63 19.06 24.69
C LEU C 188 -4.79 20.18 25.71
N THR C 189 -5.69 19.99 26.67
CA THR C 189 -6.00 21.01 27.66
C THR C 189 -6.24 20.37 29.03
N GLU C 190 -5.94 21.14 30.07
CA GLU C 190 -6.21 20.77 31.45
C GLU C 190 -7.64 21.02 31.90
N ASN C 191 -8.48 21.62 31.05
CA ASN C 191 -9.88 21.82 31.39
C ASN C 191 -10.66 20.62 30.91
N ILE C 192 -11.09 19.77 31.85
CA ILE C 192 -11.80 18.55 31.51
C ILE C 192 -13.21 18.86 31.02
N THR C 193 -13.80 19.98 31.45
CA THR C 193 -15.14 20.34 31.00
C THR C 193 -15.16 20.56 29.48
N GLU C 194 -14.11 21.19 28.94
CA GLU C 194 -14.02 21.36 27.50
C GLU C 194 -14.06 20.01 26.79
N PHE C 195 -13.30 19.04 27.29
CA PHE C 195 -13.29 17.72 26.68
C PHE C 195 -14.66 17.06 26.76
N GLU C 196 -15.31 17.17 27.93
CA GLU C 196 -16.63 16.56 28.09
C GLU C 196 -17.63 17.16 27.11
N LYS C 197 -17.61 18.49 26.96
CA LYS C 197 -18.56 19.13 26.05
C LYS C 197 -18.25 18.82 24.60
N ALA C 198 -16.98 18.85 24.20
CA ALA C 198 -16.62 18.52 22.82
C ALA C 198 -17.01 17.09 22.48
N VAL C 199 -16.76 16.16 23.41
CA VAL C 199 -17.19 14.78 23.23
C VAL C 199 -18.70 14.69 23.09
N HIS C 200 -19.43 15.44 23.93
CA HIS C 200 -20.87 15.33 23.96
C HIS C 200 -21.50 15.74 22.63
N ARG C 201 -21.00 16.82 22.03
CA ARG C 201 -21.63 17.35 20.82
C ARG C 201 -21.30 16.56 19.57
N GLN C 202 -20.38 15.60 19.65
CA GLN C 202 -19.84 14.96 18.46
C GLN C 202 -20.77 13.84 18.00
N LYS C 203 -20.94 13.72 16.68
CA LYS C 203 -21.90 12.80 16.08
C LYS C 203 -21.20 11.83 15.13
N ILE C 204 -22.00 10.96 14.53
CA ILE C 204 -21.49 9.86 13.72
C ILE C 204 -21.51 10.21 12.23
N SER C 205 -20.49 9.75 11.51
CA SER C 205 -20.41 9.79 10.06
C SER C 205 -20.45 8.36 9.53
N GLY C 206 -20.27 8.20 8.22
CA GLY C 206 -20.34 6.89 7.61
C GLY C 206 -19.56 6.78 6.34
N ASN C 207 -19.44 5.55 5.86
CA ASN C 207 -18.84 5.20 4.59
C ASN C 207 -19.29 3.78 4.25
N ILE C 208 -18.65 3.16 3.26
CA ILE C 208 -19.11 1.86 2.77
C ILE C 208 -18.25 0.73 3.32
N ASP C 209 -16.96 0.73 3.01
CA ASP C 209 -16.13 -0.42 3.32
C ASP C 209 -15.73 -0.44 4.80
N THR C 210 -15.52 -1.64 5.33
CA THR C 210 -15.22 -1.84 6.75
C THR C 210 -13.87 -1.23 7.17
N PRO C 211 -12.78 -1.40 6.41
CA PRO C 211 -11.51 -0.82 6.87
C PRO C 211 -11.56 0.71 6.85
N GLU C 212 -11.00 1.33 7.88
CA GLU C 212 -11.13 2.76 8.09
C GLU C 212 -9.77 3.40 8.31
N GLY C 213 -9.64 4.64 7.86
CA GLY C 213 -8.35 5.30 7.79
C GLY C 213 -7.73 5.69 9.12
N GLY C 214 -7.53 4.72 10.00
CA GLY C 214 -6.91 4.97 11.28
C GLY C 214 -5.48 5.44 11.20
N PHE C 215 -4.66 4.76 10.39
CA PHE C 215 -3.23 5.06 10.35
C PHE C 215 -2.94 6.44 9.82
N ASP C 216 -3.72 6.93 8.85
CA ASP C 216 -3.47 8.26 8.29
C ASP C 216 -3.72 9.34 9.33
N ALA C 217 -4.86 9.26 10.03
CA ALA C 217 -5.15 10.20 11.10
C ALA C 217 -4.13 10.07 12.23
N MET C 218 -3.67 8.85 12.50
CA MET C 218 -2.65 8.64 13.51
C MET C 218 -1.37 9.38 13.16
N LEU C 219 -0.91 9.24 11.91
CA LEU C 219 0.29 9.94 11.49
C LEU C 219 0.10 11.45 11.59
N GLN C 220 -1.06 11.94 11.17
CA GLN C 220 -1.30 13.38 11.22
C GLN C 220 -1.30 13.89 12.66
N ALA C 221 -1.90 13.13 13.58
CA ALA C 221 -1.87 13.52 14.99
C ALA C 221 -0.45 13.51 15.53
N ALA C 222 0.33 12.50 15.17
CA ALA C 222 1.68 12.39 15.70
C ALA C 222 2.58 13.52 15.19
N VAL C 223 2.43 13.89 13.92
CA VAL C 223 3.37 14.83 13.31
C VAL C 223 2.97 16.29 13.48
N CYS C 224 1.71 16.59 13.77
CA CYS C 224 1.25 17.96 13.93
C CYS C 224 1.35 18.37 15.40
N GLU C 225 2.56 18.77 15.79
CA GLU C 225 2.84 19.09 17.18
C GLU C 225 2.02 20.29 17.65
N SER C 226 2.25 21.46 17.02
CA SER C 226 1.63 22.69 17.49
C SER C 226 0.11 22.66 17.40
N HIS C 227 -0.46 21.84 16.50
CA HIS C 227 -1.91 21.79 16.36
C HIS C 227 -2.55 20.99 17.50
N ILE C 228 -2.05 19.78 17.74
CA ILE C 228 -2.61 18.97 18.82
C ILE C 228 -2.24 19.55 20.18
N GLY C 229 -1.01 20.03 20.33
CA GLY C 229 -0.57 20.61 21.59
C GLY C 229 0.31 19.72 22.43
N TRP C 230 1.08 18.83 21.81
CA TRP C 230 2.00 17.98 22.56
C TRP C 230 3.02 18.82 23.31
N ARG C 231 3.26 18.48 24.58
CA ARG C 231 4.33 19.10 25.34
C ARG C 231 5.57 18.21 25.30
N LYS C 232 6.73 18.83 25.08
CA LYS C 232 7.98 18.08 25.11
C LYS C 232 8.30 17.56 26.50
N GLU C 233 7.75 18.19 27.54
CA GLU C 233 8.01 17.76 28.91
C GLU C 233 7.11 16.60 29.32
N ALA C 234 6.14 16.23 28.49
CA ALA C 234 5.07 15.32 28.88
C ALA C 234 5.31 13.91 28.35
N LYS C 235 4.65 12.96 29.01
CA LYS C 235 4.60 11.57 28.56
C LYS C 235 3.47 11.46 27.55
N ARG C 236 3.81 11.56 26.26
CA ARG C 236 2.82 11.67 25.21
C ARG C 236 2.09 10.35 25.01
N LEU C 237 0.77 10.38 25.10
CA LEU C 237 -0.09 9.23 24.81
C LEU C 237 -1.04 9.60 23.69
N LEU C 238 -1.11 8.75 22.67
CA LEU C 238 -2.08 8.88 21.58
C LEU C 238 -2.95 7.64 21.59
N LEU C 239 -4.19 7.80 22.05
CA LEU C 239 -5.15 6.71 22.08
C LEU C 239 -5.95 6.71 20.79
N VAL C 240 -5.91 5.59 20.08
CA VAL C 240 -6.65 5.41 18.83
C VAL C 240 -7.75 4.39 19.12
N MET C 241 -9.00 4.83 19.00
CA MET C 241 -10.15 4.00 19.31
C MET C 241 -10.87 3.65 18.02
N THR C 242 -11.10 2.35 17.81
CA THR C 242 -11.70 1.87 16.57
C THR C 242 -12.33 0.51 16.83
N ASP C 243 -13.05 0.03 15.82
CA ASP C 243 -13.62 -1.31 15.84
C ASP C 243 -13.24 -2.14 14.63
N GLN C 244 -12.43 -1.60 13.73
CA GLN C 244 -12.11 -2.26 12.47
C GLN C 244 -10.62 -2.11 12.17
N THR C 245 -10.14 -3.01 11.30
CA THR C 245 -8.80 -2.87 10.74
C THR C 245 -8.67 -1.53 10.04
N SER C 246 -7.42 -1.11 9.83
CA SER C 246 -7.14 0.14 9.15
C SER C 246 -6.72 -0.12 7.71
N HIS C 247 -6.81 0.93 6.89
CA HIS C 247 -6.37 0.83 5.51
C HIS C 247 -4.85 0.90 5.44
N LEU C 248 -4.28 0.04 4.59
CA LEU C 248 -2.84 0.01 4.39
C LEU C 248 -2.44 0.98 3.28
N ALA C 249 -1.13 1.15 3.12
CA ALA C 249 -0.62 2.21 2.24
C ALA C 249 -1.09 2.04 0.81
N LEU C 250 -1.01 0.82 0.28
CA LEU C 250 -1.32 0.58 -1.12
C LEU C 250 -2.78 0.23 -1.35
N ASP C 251 -3.63 0.25 -0.32
CA ASP C 251 -5.07 0.21 -0.53
C ASP C 251 -5.54 1.35 -1.41
N SER C 252 -4.83 2.48 -1.36
CA SER C 252 -5.31 3.70 -1.99
C SER C 252 -5.30 3.63 -3.52
N LYS C 253 -4.70 2.59 -4.10
CA LYS C 253 -4.68 2.48 -5.55
C LYS C 253 -6.07 2.26 -6.13
N LEU C 254 -6.99 1.70 -5.34
CA LEU C 254 -8.35 1.49 -5.83
C LEU C 254 -9.04 2.82 -6.11
N ALA C 255 -8.71 3.86 -5.36
CA ALA C 255 -9.25 5.19 -5.57
C ALA C 255 -8.44 6.00 -6.58
N GLY C 256 -7.39 5.42 -7.16
CA GLY C 256 -6.53 6.16 -8.05
C GLY C 256 -5.50 7.00 -7.32
N ILE C 257 -5.39 6.85 -6.00
CA ILE C 257 -4.42 7.61 -5.21
C ILE C 257 -3.13 6.79 -5.21
N VAL C 258 -2.13 7.28 -5.94
CA VAL C 258 -0.89 6.55 -6.15
C VAL C 258 0.31 7.41 -5.78
N VAL C 259 0.09 8.40 -4.92
CA VAL C 259 1.16 9.28 -4.44
C VAL C 259 1.54 8.82 -3.03
N PRO C 260 2.78 8.40 -2.80
CA PRO C 260 3.15 7.94 -1.45
C PRO C 260 2.98 9.05 -0.42
N ASN C 261 2.54 8.65 0.78
CA ASN C 261 2.42 9.59 1.88
C ASN C 261 3.79 10.15 2.26
N ASP C 262 3.85 11.46 2.40
CA ASP C 262 5.11 12.14 2.76
C ASP C 262 5.34 12.18 4.27
N GLY C 263 4.33 11.91 5.09
CA GLY C 263 4.50 11.93 6.51
C GLY C 263 4.51 13.30 7.15
N ASN C 264 4.24 14.35 6.38
CA ASN C 264 4.25 15.71 6.90
C ASN C 264 2.88 16.05 7.51
N CYS C 265 2.75 17.30 7.95
CA CYS C 265 1.52 17.78 8.58
C CYS C 265 0.75 18.63 7.56
N HIS C 266 -0.56 18.39 7.48
CA HIS C 266 -1.41 19.09 6.52
C HIS C 266 -2.76 19.49 7.12
N LEU C 267 -2.78 19.80 8.42
CA LEU C 267 -4.00 20.29 9.05
C LEU C 267 -4.12 21.80 8.84
N LYS C 268 -5.09 22.22 8.02
CA LYS C 268 -5.22 23.64 7.72
C LYS C 268 -6.21 24.33 8.65
N ASN C 269 -7.50 24.00 8.54
CA ASN C 269 -8.50 24.46 9.50
C ASN C 269 -8.88 23.33 10.45
N ASN C 270 -7.90 22.74 11.12
CA ASN C 270 -8.09 21.56 11.96
C ASN C 270 -8.63 20.35 11.18
N VAL C 271 -8.61 20.40 9.85
CA VAL C 271 -9.06 19.30 9.00
C VAL C 271 -7.88 18.82 8.19
N TYR C 272 -7.79 17.50 8.01
CA TYR C 272 -6.71 16.89 7.23
C TYR C 272 -7.10 16.96 5.77
N VAL C 273 -6.49 17.90 5.04
CA VAL C 273 -6.97 18.20 3.69
C VAL C 273 -6.41 17.24 2.66
N LYS C 274 -5.20 16.72 2.86
CA LYS C 274 -4.57 15.85 1.88
C LYS C 274 -4.99 14.40 2.00
N SER C 275 -6.05 14.11 2.77
CA SER C 275 -6.51 12.73 2.89
C SER C 275 -6.99 12.18 1.55
N THR C 276 -7.49 13.05 0.68
CA THR C 276 -8.09 12.62 -0.58
C THR C 276 -7.11 12.57 -1.74
N THR C 277 -5.84 12.93 -1.53
CA THR C 277 -4.89 13.06 -2.62
C THR C 277 -3.60 12.25 -2.46
N MET C 278 -3.31 11.73 -1.27
CA MET C 278 -2.15 10.87 -1.07
C MET C 278 -2.53 9.68 -0.20
N GLU C 279 -1.81 8.59 -0.41
CA GLU C 279 -2.21 7.31 0.14
C GLU C 279 -1.92 7.24 1.64
N HIS C 280 -2.36 6.14 2.25
CA HIS C 280 -2.14 5.94 3.68
C HIS C 280 -0.65 5.69 3.92
N PRO C 281 -0.17 5.93 5.14
CA PRO C 281 1.22 5.59 5.44
C PRO C 281 1.40 4.10 5.64
N SER C 282 2.62 3.63 5.36
CA SER C 282 2.98 2.26 5.64
C SER C 282 3.41 2.11 7.10
N LEU C 283 3.42 0.87 7.57
CA LEU C 283 3.72 0.62 8.98
C LEU C 283 5.10 1.14 9.35
N GLY C 284 6.08 0.97 8.46
CA GLY C 284 7.41 1.49 8.74
C GLY C 284 7.42 3.00 8.87
N GLN C 285 6.72 3.69 7.97
CA GLN C 285 6.67 5.15 8.01
C GLN C 285 5.96 5.63 9.27
N LEU C 286 4.84 5.00 9.62
CA LEU C 286 4.12 5.37 10.83
C LEU C 286 4.96 5.14 12.07
N SER C 287 5.66 3.99 12.13
CA SER C 287 6.52 3.71 13.27
C SER C 287 7.63 4.73 13.38
N GLU C 288 8.27 5.06 12.25
CA GLU C 288 9.34 6.05 12.26
C GLU C 288 8.85 7.39 12.78
N LYS C 289 7.70 7.84 12.29
CA LYS C 289 7.22 9.16 12.69
C LYS C 289 6.67 9.16 14.11
N LEU C 290 6.18 8.03 14.60
CA LEU C 290 5.76 7.94 15.99
C LEU C 290 6.95 8.00 16.93
N ILE C 291 7.99 7.23 16.63
CA ILE C 291 9.16 7.22 17.51
C ILE C 291 9.92 8.54 17.43
N ASP C 292 9.91 9.19 16.26
CA ASP C 292 10.57 10.49 16.14
C ASP C 292 9.92 11.53 17.05
N ASN C 293 8.63 11.37 17.34
CA ASN C 293 7.87 12.35 18.12
C ASN C 293 7.56 11.88 19.53
N ASN C 294 8.09 10.74 19.95
CA ASN C 294 7.89 10.19 21.29
C ASN C 294 6.42 9.91 21.57
N ILE C 295 5.64 9.57 20.55
CA ILE C 295 4.23 9.24 20.75
C ILE C 295 4.13 7.79 21.22
N ASN C 296 3.53 7.59 22.38
CA ASN C 296 3.25 6.25 22.90
C ASN C 296 1.80 5.91 22.56
N VAL C 297 1.61 5.04 21.57
CA VAL C 297 0.30 4.77 21.00
C VAL C 297 -0.39 3.68 21.80
N ILE C 298 -1.65 3.92 22.17
CA ILE C 298 -2.51 2.92 22.78
C ILE C 298 -3.64 2.64 21.80
N PHE C 299 -3.76 1.38 21.39
CA PHE C 299 -4.88 0.96 20.56
C PHE C 299 -6.01 0.45 21.46
N ALA C 300 -7.17 1.07 21.36
CA ALA C 300 -8.37 0.62 22.05
C ALA C 300 -9.32 0.09 20.98
N VAL C 301 -9.47 -1.23 20.92
CA VAL C 301 -10.23 -1.89 19.87
C VAL C 301 -11.28 -2.78 20.53
N GLN C 302 -12.50 -2.75 19.99
CA GLN C 302 -13.63 -3.42 20.62
C GLN C 302 -13.82 -4.86 20.16
N GLY C 303 -13.93 -5.09 18.86
CA GLY C 303 -14.33 -6.38 18.34
C GLY C 303 -13.18 -7.36 18.22
N LYS C 304 -13.42 -8.39 17.39
CA LYS C 304 -12.39 -9.38 17.11
C LYS C 304 -11.21 -8.80 16.36
N GLN C 305 -11.33 -7.59 15.82
CA GLN C 305 -10.22 -6.94 15.15
C GLN C 305 -9.15 -6.45 16.12
N PHE C 306 -9.34 -6.62 17.43
CA PHE C 306 -8.30 -6.24 18.37
C PHE C 306 -7.03 -7.05 18.15
N HIS C 307 -7.19 -8.36 17.90
CA HIS C 307 -6.03 -9.20 17.67
C HIS C 307 -5.26 -8.79 16.42
N TRP C 308 -5.93 -8.18 15.44
CA TRP C 308 -5.22 -7.65 14.29
C TRP C 308 -4.21 -6.59 14.71
N TYR C 309 -4.62 -5.69 15.61
CA TYR C 309 -3.69 -4.67 16.10
C TYR C 309 -2.66 -5.26 17.04
N LYS C 310 -3.06 -6.25 17.83
CA LYS C 310 -2.12 -6.90 18.74
C LYS C 310 -1.01 -7.59 17.96
N ASP C 311 -1.32 -8.08 16.76
CA ASP C 311 -0.31 -8.76 15.94
C ASP C 311 0.59 -7.78 15.19
N LEU C 312 0.23 -6.51 15.13
CA LEU C 312 1.09 -5.48 14.53
C LEU C 312 2.03 -4.86 15.54
N LEU C 313 1.84 -5.11 16.84
CA LEU C 313 2.73 -4.51 17.84
C LEU C 313 4.19 -4.87 17.63
N PRO C 314 4.57 -6.12 17.30
CA PRO C 314 5.98 -6.39 17.01
C PRO C 314 6.53 -5.55 15.86
N LEU C 315 5.67 -5.14 14.92
CA LEU C 315 6.09 -4.29 13.81
C LEU C 315 6.04 -2.81 14.15
N LEU C 316 5.46 -2.44 15.30
CA LEU C 316 5.35 -1.04 15.74
C LEU C 316 5.88 -0.94 17.16
N PRO C 317 7.19 -0.74 17.32
CA PRO C 317 7.75 -0.58 18.67
C PRO C 317 7.09 0.58 19.41
N GLY C 318 6.86 0.38 20.71
CA GLY C 318 6.30 1.42 21.53
C GLY C 318 4.80 1.59 21.43
N THR C 319 4.09 0.53 21.07
CA THR C 319 2.63 0.58 20.90
C THR C 319 1.98 -0.47 21.77
N ILE C 320 0.88 -0.08 22.41
CA ILE C 320 0.07 -0.98 23.23
C ILE C 320 -1.28 -1.15 22.56
N ALA C 321 -1.93 -2.29 22.83
CA ALA C 321 -3.28 -2.55 22.37
C ALA C 321 -4.12 -3.03 23.54
N GLY C 322 -5.27 -2.41 23.71
CA GLY C 322 -6.22 -2.79 24.75
C GLY C 322 -7.56 -3.13 24.15
N GLU C 323 -8.27 -4.06 24.77
CA GLU C 323 -9.57 -4.49 24.30
C GLU C 323 -10.67 -3.69 24.98
N ILE C 324 -11.50 -3.01 24.18
CA ILE C 324 -12.70 -2.39 24.71
C ILE C 324 -13.77 -3.47 24.86
N GLU C 325 -14.33 -3.58 26.06
CA GLU C 325 -15.37 -4.58 26.28
C GLU C 325 -16.63 -4.15 25.53
N SER C 326 -17.49 -5.12 25.21
CA SER C 326 -18.59 -4.90 24.29
C SER C 326 -19.46 -3.70 24.69
N LYS C 327 -19.60 -3.43 25.98
CA LYS C 327 -20.35 -2.28 26.47
C LYS C 327 -19.49 -1.04 26.64
N ALA C 328 -18.19 -1.12 26.36
CA ALA C 328 -17.25 -0.02 26.54
C ALA C 328 -17.19 0.45 27.99
N ALA C 329 -17.34 -0.46 28.95
CA ALA C 329 -17.34 -0.08 30.36
C ALA C 329 -15.94 0.05 30.92
N ASN C 330 -14.91 -0.40 30.21
CA ASN C 330 -13.54 -0.40 30.71
C ASN C 330 -12.64 0.58 29.99
N LEU C 331 -13.20 1.67 29.45
CA LEU C 331 -12.40 2.56 28.62
C LEU C 331 -11.43 3.41 29.45
N ASN C 332 -11.69 3.55 30.76
CA ASN C 332 -10.77 4.29 31.63
C ASN C 332 -9.74 3.37 32.26
N ASN C 333 -10.18 2.21 32.73
CA ASN C 333 -9.23 1.20 33.21
C ASN C 333 -8.28 0.80 32.09
N LEU C 334 -8.77 0.78 30.85
CA LEU C 334 -7.90 0.50 29.72
C LEU C 334 -6.75 1.50 29.65
N VAL C 335 -7.07 2.80 29.74
CA VAL C 335 -6.05 3.82 29.64
C VAL C 335 -5.07 3.73 30.81
N VAL C 336 -5.60 3.53 32.02
CA VAL C 336 -4.70 3.53 33.17
C VAL C 336 -3.78 2.31 33.13
N GLU C 337 -4.32 1.14 32.73
CA GLU C 337 -3.49 -0.06 32.62
C GLU C 337 -2.44 0.10 31.53
N ALA C 338 -2.83 0.65 30.38
CA ALA C 338 -1.88 0.86 29.30
C ALA C 338 -0.79 1.84 29.70
N TYR C 339 -1.13 2.90 30.42
CA TYR C 339 -0.10 3.83 30.88
C TYR C 339 0.84 3.17 31.88
N GLN C 340 0.30 2.36 32.79
CA GLN C 340 1.15 1.64 33.73
C GLN C 340 2.12 0.72 32.99
N LYS C 341 1.63 0.02 31.97
CA LYS C 341 2.49 -0.84 31.18
C LYS C 341 3.55 -0.03 30.43
N LEU C 342 3.15 1.12 29.89
CA LEU C 342 4.08 1.98 29.15
C LEU C 342 5.22 2.45 30.03
N ILE C 343 4.91 3.01 31.20
CA ILE C 343 5.96 3.59 32.03
C ILE C 343 6.82 2.52 32.70
N SER C 344 6.44 1.24 32.60
CA SER C 344 7.19 0.16 33.22
C SER C 344 8.10 -0.58 32.25
N GLU C 345 8.32 -0.04 31.05
CA GLU C 345 9.12 -0.69 30.02
C GLU C 345 10.14 0.30 29.49
N VAL C 346 11.40 -0.13 29.41
CA VAL C 346 12.49 0.68 28.87
C VAL C 346 13.18 -0.14 27.79
N LYS C 347 13.24 0.40 26.58
CA LYS C 347 13.92 -0.22 25.46
C LYS C 347 14.47 0.88 24.56
N VAL C 348 15.66 0.66 24.01
CA VAL C 348 16.36 1.68 23.25
C VAL C 348 16.58 1.22 21.82
N GLN C 349 16.88 2.19 20.96
CA GLN C 349 17.33 1.95 19.61
C GLN C 349 18.35 3.01 19.25
N VAL C 350 19.20 2.71 18.28
CA VAL C 350 20.31 3.58 17.92
C VAL C 350 20.09 4.08 16.50
N GLU C 351 20.16 5.40 16.32
CA GLU C 351 20.11 6.01 15.00
C GLU C 351 21.52 6.09 14.41
N ASN C 352 22.05 4.90 14.08
CA ASN C 352 23.43 4.76 13.65
C ASN C 352 23.55 5.13 12.17
N GLN C 353 23.74 6.43 11.93
CA GLN C 353 24.00 6.93 10.59
C GLN C 353 25.49 7.16 10.32
N VAL C 354 26.35 6.81 11.27
CA VAL C 354 27.79 6.97 11.07
C VAL C 354 28.30 5.83 10.21
N GLN C 355 28.96 6.18 9.10
CA GLN C 355 29.39 5.17 8.13
C GLN C 355 30.55 4.36 8.69
N GLY C 356 30.47 3.04 8.51
CA GLY C 356 31.55 2.15 8.89
C GLY C 356 31.68 1.87 10.38
N ILE C 357 30.67 2.20 11.17
CA ILE C 357 30.69 2.00 12.61
C ILE C 357 29.40 1.30 13.03
N TYR C 358 29.54 0.25 13.83
CA TYR C 358 28.43 -0.62 14.21
C TYR C 358 28.32 -0.65 15.72
N PHE C 359 27.10 -0.76 16.21
CA PHE C 359 26.80 -0.73 17.64
C PHE C 359 26.32 -2.09 18.11
N ASN C 360 26.68 -2.44 19.34
CA ASN C 360 26.22 -3.67 19.99
C ASN C 360 25.78 -3.28 21.40
N ILE C 361 24.48 -3.08 21.58
CA ILE C 361 23.93 -2.59 22.85
C ILE C 361 23.21 -3.75 23.53
N THR C 362 23.60 -4.02 24.78
CA THR C 362 22.96 -5.04 25.60
C THR C 362 22.41 -4.38 26.85
N ALA C 363 21.17 -4.72 27.20
CA ALA C 363 20.50 -4.11 28.34
C ALA C 363 20.75 -4.95 29.59
N ILE C 364 21.46 -4.36 30.55
CA ILE C 364 21.65 -4.98 31.85
C ILE C 364 20.43 -4.67 32.69
N CYS C 365 19.45 -5.56 32.68
CA CYS C 365 18.22 -5.30 33.40
C CYS C 365 18.49 -5.29 34.90
N PRO C 366 17.69 -4.54 35.68
CA PRO C 366 17.93 -4.49 37.13
C PRO C 366 17.92 -5.85 37.80
N ASP C 367 17.14 -6.80 37.30
CA ASP C 367 17.11 -8.15 37.87
C ASP C 367 18.36 -8.96 37.53
N GLY C 368 19.23 -8.45 36.65
CA GLY C 368 20.46 -9.12 36.29
C GLY C 368 20.46 -9.74 34.91
N SER C 369 19.33 -9.73 34.22
CA SER C 369 19.27 -10.33 32.88
C SER C 369 20.07 -9.49 31.89
N ARG C 370 20.59 -10.17 30.87
CA ARG C 370 21.32 -9.53 29.77
C ARG C 370 20.46 -9.66 28.51
N LYS C 371 19.55 -8.70 28.34
CA LYS C 371 18.69 -8.69 27.17
C LYS C 371 19.39 -8.03 25.99
N PRO C 372 18.93 -8.27 24.76
CA PRO C 372 19.65 -7.77 23.58
C PRO C 372 19.51 -6.27 23.33
N GLY C 373 18.93 -5.54 24.28
CA GLY C 373 18.90 -4.08 24.18
C GLY C 373 17.74 -3.55 23.38
N MET C 374 17.58 -4.02 22.14
CA MET C 374 16.47 -3.57 21.31
C MET C 374 15.13 -3.89 21.97
N GLU C 375 15.03 -5.05 22.62
CA GLU C 375 13.82 -5.40 23.35
C GLU C 375 13.78 -4.75 24.73
N GLY C 376 14.94 -4.45 25.32
CA GLY C 376 14.97 -3.74 26.58
C GLY C 376 14.50 -4.60 27.74
N CYS C 377 14.05 -3.94 28.80
CA CYS C 377 13.64 -4.58 30.04
C CYS C 377 12.22 -4.15 30.39
N ARG C 378 11.59 -4.93 31.27
CA ARG C 378 10.21 -4.73 31.65
C ARG C 378 10.09 -4.73 33.17
N ASN C 379 8.91 -4.33 33.65
CA ASN C 379 8.67 -4.14 35.08
C ASN C 379 9.67 -3.17 35.70
N VAL C 380 9.96 -2.08 34.99
CA VAL C 380 10.83 -1.05 35.54
C VAL C 380 9.99 -0.07 36.36
N THR C 381 10.62 0.55 37.36
CA THR C 381 9.97 1.54 38.21
C THR C 381 10.90 2.73 38.38
N SER C 382 10.48 3.68 39.19
CA SER C 382 11.38 4.72 39.67
C SER C 382 12.20 4.17 40.83
N ASN C 383 13.21 4.93 41.26
CA ASN C 383 14.21 4.42 42.20
C ASN C 383 14.93 3.21 41.62
N ASP C 384 15.02 3.15 40.29
CA ASP C 384 15.45 1.94 39.60
C ASP C 384 15.93 2.40 38.23
N GLU C 385 17.17 2.06 37.90
CA GLU C 385 17.80 2.47 36.65
C GLU C 385 18.10 1.24 35.80
N VAL C 386 17.80 1.33 34.51
CA VAL C 386 18.22 0.30 33.55
C VAL C 386 19.55 0.73 32.94
N LEU C 387 20.49 -0.21 32.87
CA LEU C 387 21.82 0.05 32.35
C LEU C 387 21.97 -0.62 30.99
N PHE C 388 22.37 0.16 29.99
CA PHE C 388 22.59 -0.33 28.63
C PHE C 388 24.07 -0.30 28.34
N ASN C 389 24.66 -1.46 28.08
CA ASN C 389 26.08 -1.59 27.80
C ASN C 389 26.29 -1.45 26.30
N VAL C 390 26.90 -0.34 25.88
CA VAL C 390 27.08 -0.02 24.47
C VAL C 390 28.52 -0.34 24.09
N THR C 391 28.68 -1.17 23.06
CA THR C 391 29.98 -1.49 22.49
C THR C 391 29.99 -1.01 21.05
N VAL C 392 30.91 -0.11 20.72
CA VAL C 392 31.01 0.49 19.40
C VAL C 392 32.25 -0.06 18.71
N THR C 393 32.06 -0.59 17.51
CA THR C 393 33.13 -1.18 16.71
C THR C 393 33.30 -0.38 15.42
N MET C 394 34.55 -0.21 14.99
CA MET C 394 34.84 0.32 13.66
C MET C 394 35.24 -0.83 12.75
N LYS C 395 34.56 -0.91 11.61
CA LYS C 395 34.91 -1.89 10.57
C LYS C 395 35.60 -1.21 9.40
N LYS C 396 35.15 -0.02 9.03
CA LYS C 396 35.72 0.73 7.92
C LYS C 396 35.51 2.22 8.21
N CYS C 397 35.67 3.05 7.18
CA CYS C 397 35.69 4.50 7.36
C CYS C 397 35.07 5.16 6.13
N ASP C 398 34.70 6.43 6.29
CA ASP C 398 34.20 7.22 5.18
C ASP C 398 35.35 7.68 4.30
N ASN C 404 30.73 12.80 12.68
CA ASN C 404 29.31 12.48 12.73
C ASN C 404 28.96 11.92 14.11
N TYR C 405 27.70 11.56 14.31
CA TYR C 405 27.23 11.13 15.63
C TYR C 405 26.12 10.11 15.47
N ALA C 406 25.88 9.37 16.55
CA ALA C 406 24.75 8.46 16.66
C ALA C 406 23.93 8.82 17.90
N ILE C 407 22.63 8.54 17.84
CA ILE C 407 21.70 8.84 18.92
C ILE C 407 21.11 7.53 19.41
N ILE C 408 21.34 7.21 20.68
CA ILE C 408 20.67 6.12 21.37
C ILE C 408 19.58 6.73 22.24
N LYS C 409 18.33 6.39 21.95
CA LYS C 409 17.20 6.95 22.68
C LYS C 409 16.32 5.82 23.21
N PRO C 410 15.83 5.92 24.44
CA PRO C 410 14.80 4.98 24.88
C PRO C 410 13.45 5.40 24.29
N ILE C 411 12.86 4.51 23.51
CA ILE C 411 11.63 4.83 22.81
C ILE C 411 10.52 5.11 23.82
N GLY C 412 9.82 6.22 23.63
CA GLY C 412 8.83 6.66 24.59
C GLY C 412 9.35 7.53 25.71
N PHE C 413 10.60 8.00 25.60
CA PHE C 413 11.19 8.92 26.57
C PHE C 413 11.54 10.22 25.87
N ASN C 414 11.47 11.32 26.62
CA ASN C 414 11.69 12.64 26.06
C ASN C 414 13.15 13.09 26.15
N GLU C 415 14.09 12.16 26.30
CA GLU C 415 15.51 12.47 26.33
C GLU C 415 16.28 11.39 25.59
N THR C 416 17.37 11.79 24.94
CA THR C 416 18.19 10.89 24.15
C THR C 416 19.66 11.14 24.46
N ALA C 417 20.47 10.10 24.21
CA ALA C 417 21.92 10.20 24.38
C ALA C 417 22.57 10.33 23.01
N LYS C 418 23.33 11.40 22.82
CA LYS C 418 23.98 11.70 21.56
C LYS C 418 25.44 11.25 21.64
N ILE C 419 25.80 10.26 20.83
CA ILE C 419 27.15 9.72 20.82
C ILE C 419 27.93 10.32 19.67
N HIS C 420 28.61 11.44 19.91
CA HIS C 420 29.51 12.00 18.92
C HIS C 420 30.77 11.16 18.85
N ILE C 421 31.21 10.85 17.64
CA ILE C 421 32.25 9.85 17.39
C ILE C 421 33.30 10.50 16.50
N HIS C 422 34.48 10.75 17.06
CA HIS C 422 35.62 11.22 16.28
C HIS C 422 36.49 10.04 15.89
N ARG C 423 37.35 10.26 14.89
CA ARG C 423 38.18 9.17 14.40
C ARG C 423 39.19 9.73 13.39
N ASN C 424 40.21 8.91 13.11
CA ASN C 424 41.18 9.17 12.05
C ASN C 424 41.32 7.91 11.22
N CYS C 425 41.52 8.10 9.92
CA CYS C 425 41.59 6.98 8.98
C CYS C 425 42.68 7.22 7.94
#